data_6LIS
#
_entry.id   6LIS
#
_cell.length_a   96.179
_cell.length_b   103.060
_cell.length_c   102.885
_cell.angle_alpha   90.000
_cell.angle_beta   90.000
_cell.angle_gamma   90.000
#
_symmetry.space_group_name_H-M   'P 21 21 21'
#
loop_
_entity.id
_entity.type
_entity.pdbx_description
1 polymer E165R
2 non-polymer "2'-DEOXYURIDINE 5'-MONOPHOSPHATE"
3 water water
#
_entity_poly.entity_id   1
_entity_poly.type   'polypeptide(L)'
_entity_poly.pdbx_seq_one_letter_code
;MATNFFIQPITEEAEAYYPPSVITNKRKDLGVDVYCCSDLVLQPGLNIVRLHIKVACEHMGKKCGFKIMARSSMCTHERL
LILANGIGLIDPGYVGELMLKIINLGDTPVQIWAKECLVQLVAQGDHVPDHINILKRNQIFPLFAPTPRGEGRFGSTGEA
GIMRT
;
_entity_poly.pdbx_strand_id   A,B,C,D,E,F
#
loop_
_chem_comp.id
_chem_comp.type
_chem_comp.name
_chem_comp.formula
UMP non-polymer '2'-DEOXYURIDINE 5'-MONOPHOSPHATE' 'C9 H13 N2 O8 P'
#
# COMPACT_ATOMS: atom_id res chain seq x y z
N ALA A 2 -5.05 15.64 38.11
CA ALA A 2 -3.73 15.54 38.72
C ALA A 2 -2.96 14.31 38.23
N THR A 3 -1.75 14.53 37.71
CA THR A 3 -0.90 13.48 37.17
C THR A 3 0.45 13.55 37.87
N ASN A 4 0.84 12.47 38.53
CA ASN A 4 2.06 12.47 39.32
C ASN A 4 2.92 11.27 38.97
N PHE A 5 4.23 11.48 38.99
CA PHE A 5 5.19 10.38 38.93
C PHE A 5 5.83 10.17 40.28
N PHE A 6 6.18 8.92 40.55
CA PHE A 6 6.90 8.54 41.78
C PHE A 6 8.11 7.75 41.34
N ILE A 7 9.30 8.21 41.72
CA ILE A 7 10.55 7.57 41.32
C ILE A 7 11.36 7.26 42.58
N GLN A 8 11.75 6.00 42.76
CA GLN A 8 12.59 5.60 43.88
C GLN A 8 13.90 5.00 43.39
N PRO A 9 15.05 5.57 43.74
CA PRO A 9 16.31 4.89 43.44
C PRO A 9 16.43 3.62 44.28
N ILE A 10 16.87 2.54 43.65
CA ILE A 10 17.02 1.28 44.36
C ILE A 10 18.46 0.82 44.47
N THR A 11 19.41 1.58 43.92
CA THR A 11 20.83 1.30 44.14
C THR A 11 21.50 2.53 44.73
N GLU A 12 22.71 2.33 45.26
CA GLU A 12 23.45 3.44 45.85
C GLU A 12 23.85 4.46 44.80
N GLU A 13 24.29 4.02 43.62
CA GLU A 13 24.64 4.97 42.57
C GLU A 13 23.43 5.79 42.15
N ALA A 14 22.25 5.15 42.08
CA ALA A 14 21.05 5.88 41.70
C ALA A 14 20.70 6.96 42.72
N GLU A 15 20.95 6.70 44.01
CA GLU A 15 20.66 7.71 45.04
C GLU A 15 21.40 9.02 44.77
N ALA A 16 22.63 8.93 44.28
CA ALA A 16 23.39 10.14 43.99
C ALA A 16 22.66 11.04 42.99
N TYR A 17 21.90 10.45 42.05
CA TYR A 17 21.20 11.22 41.04
C TYR A 17 19.75 11.51 41.40
N TYR A 18 19.22 10.85 42.44
CA TYR A 18 17.82 11.00 42.84
C TYR A 18 17.72 11.31 44.34
N PRO A 19 18.15 12.50 44.76
CA PRO A 19 17.91 12.88 46.15
C PRO A 19 16.43 13.08 46.40
N PRO A 20 15.95 12.77 47.61
CA PRO A 20 14.51 12.89 47.90
C PRO A 20 14.06 14.33 47.78
N SER A 21 12.95 14.54 47.06
CA SER A 21 12.46 15.87 46.76
C SER A 21 11.17 15.77 45.95
N VAL A 22 10.51 16.90 45.79
CA VAL A 22 9.33 17.03 44.94
C VAL A 22 9.67 18.00 43.83
N ILE A 23 9.51 17.55 42.58
CA ILE A 23 9.89 18.34 41.41
C ILE A 23 8.60 18.81 40.73
N THR A 24 8.48 20.12 40.56
CA THR A 24 7.35 20.67 39.84
C THR A 24 7.71 20.73 38.35
N ASN A 25 6.69 20.78 37.52
CA ASN A 25 6.87 20.75 36.08
C ASN A 25 6.18 21.96 35.46
N LYS A 26 6.66 23.16 35.78
CA LYS A 26 5.93 24.32 35.25
C LYS A 26 6.45 24.79 33.89
N ARG A 27 7.46 24.10 33.32
CA ARG A 27 7.62 24.16 31.88
C ARG A 27 6.53 23.36 31.17
N LYS A 28 5.86 22.46 31.90
CA LYS A 28 4.80 21.62 31.37
C LYS A 28 5.30 20.71 30.25
N ASP A 29 6.55 20.25 30.36
CA ASP A 29 7.06 19.20 29.49
C ASP A 29 6.28 17.90 29.69
N LEU A 30 6.14 17.14 28.59
CA LEU A 30 5.40 15.89 28.64
C LEU A 30 6.22 14.75 29.24
N GLY A 31 7.54 14.80 29.12
CA GLY A 31 8.41 13.69 29.51
C GLY A 31 9.23 13.98 30.75
N VAL A 32 9.50 12.93 31.53
CA VAL A 32 10.32 13.02 32.74
C VAL A 32 11.65 12.36 32.45
N ASP A 33 12.75 13.14 32.45
CA ASP A 33 14.07 12.59 32.15
C ASP A 33 14.53 11.66 33.27
N VAL A 34 15.15 10.53 32.90
CA VAL A 34 15.73 9.63 33.90
C VAL A 34 17.17 9.33 33.53
N TYR A 35 18.02 9.24 34.55
CA TYR A 35 19.46 9.10 34.38
C TYR A 35 19.86 7.66 34.15
N CYS A 36 21.02 7.48 33.52
CA CYS A 36 21.62 6.14 33.39
C CYS A 36 22.11 5.62 34.75
N CYS A 37 22.61 6.54 35.59
CA CYS A 37 23.05 6.29 36.96
C CYS A 37 24.32 5.46 37.10
N SER A 38 24.87 4.99 35.98
CA SER A 38 26.12 4.25 36.00
C SER A 38 26.68 4.37 34.59
N ASP A 39 28.00 4.44 34.47
CA ASP A 39 28.65 4.47 33.16
C ASP A 39 28.42 3.15 32.46
N LEU A 40 28.20 3.21 31.14
CA LEU A 40 27.88 2.04 30.34
C LEU A 40 28.74 1.98 29.10
N VAL A 41 29.11 0.77 28.69
CA VAL A 41 29.70 0.53 27.38
C VAL A 41 28.76 -0.42 26.68
N LEU A 42 28.02 0.08 25.69
CA LEU A 42 26.98 -0.68 25.01
C LEU A 42 27.59 -1.38 23.80
N GLN A 43 27.47 -2.71 23.76
CA GLN A 43 28.02 -3.52 22.68
C GLN A 43 27.15 -3.41 21.43
N PRO A 44 27.73 -3.62 20.24
CA PRO A 44 26.91 -3.76 19.04
C PRO A 44 25.80 -4.77 19.28
N GLY A 45 24.61 -4.46 18.77
CA GLY A 45 23.44 -5.30 18.99
C GLY A 45 22.66 -4.91 20.23
N LEU A 46 21.94 -5.87 20.81
CA LEU A 46 21.03 -5.60 21.91
C LEU A 46 21.78 -5.50 23.25
N ASN A 47 21.34 -4.55 24.09
CA ASN A 47 21.83 -4.39 25.45
C ASN A 47 20.63 -4.19 26.36
N ILE A 48 20.55 -4.98 27.43
CA ILE A 48 19.50 -4.84 28.43
C ILE A 48 20.06 -3.95 29.53
N VAL A 49 19.53 -2.73 29.65
CA VAL A 49 20.11 -1.71 30.53
C VAL A 49 19.17 -1.47 31.70
N ARG A 50 19.70 -1.57 32.92
CA ARG A 50 18.96 -1.26 34.13
C ARG A 50 18.90 0.24 34.36
N LEU A 51 17.73 0.74 34.78
CA LEU A 51 17.60 2.17 35.13
C LEU A 51 17.77 2.44 36.62
N HIS A 52 17.87 1.41 37.46
CA HIS A 52 18.14 1.54 38.90
C HIS A 52 17.03 2.23 39.66
N ILE A 53 15.80 2.21 39.16
CA ILE A 53 14.68 2.91 39.79
C ILE A 53 13.43 2.05 39.69
N LYS A 54 12.54 2.24 40.65
CA LYS A 54 11.15 1.81 40.55
C LYS A 54 10.29 3.05 40.34
N VAL A 55 9.25 2.90 39.51
CA VAL A 55 8.47 4.06 39.07
C VAL A 55 7.00 3.70 39.15
N ALA A 56 6.20 4.66 39.63
CA ALA A 56 4.77 4.58 39.50
C ALA A 56 4.27 5.91 38.93
N CYS A 57 3.16 5.84 38.23
CA CYS A 57 2.52 7.02 37.70
C CYS A 57 1.09 7.01 38.17
N GLU A 58 0.54 8.19 38.39
CA GLU A 58 -0.77 8.30 39.00
C GLU A 58 -1.52 9.42 38.31
N HIS A 59 -2.79 9.14 37.96
CA HIS A 59 -3.64 10.10 37.28
C HIS A 59 -5.03 10.04 37.90
N MET A 60 -5.58 11.19 38.27
CA MET A 60 -6.89 11.25 38.93
C MET A 60 -6.92 10.35 40.16
N GLY A 61 -5.84 10.40 40.95
CA GLY A 61 -5.74 9.61 42.16
C GLY A 61 -5.74 8.10 42.00
N LYS A 62 -5.64 7.59 40.76
CA LYS A 62 -5.53 6.16 40.54
C LYS A 62 -4.24 5.84 39.79
N LYS A 63 -3.60 4.74 40.19
CA LYS A 63 -2.38 4.30 39.52
C LYS A 63 -2.66 4.09 38.04
N CYS A 64 -1.69 4.46 37.20
CA CYS A 64 -1.86 4.29 35.77
C CYS A 64 -0.56 3.77 35.18
N GLY A 65 -0.60 3.51 33.87
CA GLY A 65 0.61 3.11 33.17
C GLY A 65 1.38 4.32 32.72
N PHE A 66 2.51 4.04 32.06
CA PHE A 66 3.29 5.10 31.43
C PHE A 66 4.14 4.46 30.32
N LYS A 67 4.86 5.32 29.61
CA LYS A 67 5.60 4.96 28.41
C LYS A 67 7.01 5.52 28.53
N ILE A 68 7.99 4.73 28.07
CA ILE A 68 9.39 5.14 27.97
C ILE A 68 9.69 5.52 26.51
N MET A 69 10.17 6.73 26.30
CA MET A 69 10.50 7.19 24.96
C MET A 69 11.94 7.70 24.92
N ALA A 70 12.63 7.44 23.81
CA ALA A 70 13.95 8.00 23.62
C ALA A 70 13.91 9.52 23.66
N ARG A 71 14.94 10.13 24.23
CA ARG A 71 15.13 11.55 24.04
C ARG A 71 15.85 11.78 22.70
N SER A 72 15.66 12.96 22.13
CA SER A 72 16.23 13.21 20.81
C SER A 72 17.75 13.19 20.85
N SER A 73 18.35 13.28 22.03
CA SER A 73 19.80 13.24 22.15
C SER A 73 20.35 11.84 22.33
N MET A 74 19.50 10.82 22.45
CA MET A 74 19.97 9.45 22.63
C MET A 74 20.82 9.02 21.44
N CYS A 75 20.35 9.31 20.23
CA CYS A 75 21.03 8.90 19.01
C CYS A 75 21.80 10.08 18.43
N THR A 76 23.11 9.91 18.25
CA THR A 76 23.96 10.95 17.67
C THR A 76 24.80 10.35 16.56
N HIS A 77 25.56 11.19 15.85
CA HIS A 77 26.30 10.68 14.72
C HIS A 77 27.28 9.58 15.15
N GLU A 78 27.81 9.69 16.38
CA GLU A 78 28.79 8.75 16.88
C GLU A 78 28.19 7.59 17.67
N ARG A 79 26.89 7.60 17.98
CA ARG A 79 26.28 6.44 18.63
C ARG A 79 24.87 6.27 18.10
N LEU A 80 24.68 5.23 17.30
CA LEU A 80 23.39 4.93 16.69
C LEU A 80 22.65 4.00 17.65
N LEU A 81 21.99 4.60 18.63
CA LEU A 81 21.25 3.88 19.64
C LEU A 81 19.75 4.10 19.45
N ILE A 82 18.98 3.01 19.44
CA ILE A 82 17.54 3.07 19.41
C ILE A 82 16.98 2.19 20.52
N LEU A 83 15.76 2.50 20.92
CA LEU A 83 15.00 1.61 21.79
C LEU A 83 14.44 0.47 20.94
N ALA A 84 14.67 -0.78 21.38
CA ALA A 84 14.29 -1.93 20.57
C ALA A 84 12.78 -2.03 20.40
N ASN A 85 12.02 -1.70 21.43
CA ASN A 85 10.58 -1.83 21.35
C ASN A 85 9.91 -0.57 20.84
N GLY A 86 10.68 0.36 20.28
CA GLY A 86 10.13 1.62 19.78
C GLY A 86 9.83 2.59 20.90
N ILE A 87 8.79 2.30 21.67
CA ILE A 87 8.61 2.91 22.99
C ILE A 87 8.37 1.79 23.98
N GLY A 88 8.70 2.03 25.25
CA GLY A 88 8.43 1.04 26.29
C GLY A 88 7.07 1.29 26.89
N LEU A 89 6.25 0.25 26.93
CA LEU A 89 4.88 0.33 27.43
C LEU A 89 4.83 -0.29 28.82
N ILE A 90 4.55 0.52 29.84
CA ILE A 90 4.68 0.08 31.23
C ILE A 90 3.28 0.03 31.83
N ASP A 91 2.82 -1.17 32.17
CA ASP A 91 1.47 -1.37 32.67
C ASP A 91 1.37 -0.88 34.13
N PRO A 92 0.19 -0.42 34.54
CA PRO A 92 0.03 0.00 35.95
C PRO A 92 0.41 -1.08 36.95
N GLY A 93 0.18 -2.36 36.63
CA GLY A 93 0.49 -3.42 37.55
C GLY A 93 1.97 -3.70 37.76
N TYR A 94 2.84 -3.17 36.89
CA TYR A 94 4.26 -3.45 37.00
C TYR A 94 4.84 -2.80 38.26
N VAL A 95 5.57 -3.57 39.06
CA VAL A 95 6.17 -3.04 40.27
C VAL A 95 7.65 -3.43 40.38
N GLY A 96 8.24 -3.88 39.28
CA GLY A 96 9.66 -4.18 39.26
C GLY A 96 10.49 -2.95 38.94
N GLU A 97 11.79 -3.18 38.70
CA GLU A 97 12.71 -2.12 38.26
C GLU A 97 12.54 -1.81 36.78
N LEU A 98 12.61 -0.53 36.43
CA LEU A 98 12.54 -0.13 35.03
C LEU A 98 13.82 -0.56 34.30
N MET A 99 13.63 -1.08 33.10
CA MET A 99 14.74 -1.53 32.28
C MET A 99 14.57 -1.02 30.86
N LEU A 100 15.68 -0.96 30.13
CA LEU A 100 15.71 -0.51 28.75
C LEU A 100 16.32 -1.58 27.87
N LYS A 101 15.71 -1.80 26.70
CA LYS A 101 16.32 -2.62 25.65
C LYS A 101 16.84 -1.65 24.59
N ILE A 102 18.15 -1.44 24.56
CA ILE A 102 18.79 -0.52 23.63
C ILE A 102 19.55 -1.34 22.60
N ILE A 103 19.35 -1.03 21.32
CA ILE A 103 20.15 -1.61 20.25
C ILE A 103 21.21 -0.59 19.85
N ASN A 104 22.47 -1.02 19.92
CA ASN A 104 23.57 -0.30 19.30
C ASN A 104 23.63 -0.78 17.85
N LEU A 105 23.22 0.10 16.93
CA LEU A 105 23.17 -0.24 15.51
C LEU A 105 24.53 -0.16 14.85
N GLY A 106 25.54 0.36 15.55
CA GLY A 106 26.85 0.54 14.96
C GLY A 106 27.72 -0.70 15.16
N ASP A 107 28.94 -0.61 14.64
CA ASP A 107 29.86 -1.73 14.60
C ASP A 107 30.83 -1.76 15.77
N THR A 108 30.86 -0.73 16.60
CA THR A 108 31.82 -0.62 17.68
C THR A 108 31.06 -0.27 18.95
N PRO A 109 31.58 -0.65 20.12
CA PRO A 109 30.89 -0.29 21.36
C PRO A 109 30.89 1.22 21.57
N VAL A 110 29.93 1.69 22.37
CA VAL A 110 29.78 3.12 22.61
C VAL A 110 29.67 3.37 24.10
N GLN A 111 30.26 4.47 24.54
CA GLN A 111 30.27 4.87 25.95
C GLN A 111 29.07 5.73 26.28
N ILE A 112 28.39 5.43 27.39
CA ILE A 112 27.37 6.27 27.99
C ILE A 112 27.84 6.66 29.38
N TRP A 113 27.63 7.91 29.78
CA TRP A 113 28.02 8.36 31.10
C TRP A 113 26.83 8.37 32.04
N ALA A 114 27.11 8.14 33.33
CA ALA A 114 26.07 7.99 34.35
C ALA A 114 25.08 9.15 34.36
N LYS A 115 25.56 10.38 34.12
CA LYS A 115 24.68 11.54 34.24
C LYS A 115 23.76 11.72 33.03
N GLU A 116 23.97 11.01 31.95
CA GLU A 116 23.17 11.24 30.75
C GLU A 116 21.75 10.70 30.94
N CYS A 117 20.78 11.38 30.33
CA CYS A 117 19.39 10.93 30.29
C CYS A 117 19.07 10.54 28.85
N LEU A 118 19.02 9.22 28.61
CA LEU A 118 18.76 8.71 27.27
C LEU A 118 17.28 8.68 26.94
N VAL A 119 16.42 8.63 27.95
CA VAL A 119 15.00 8.39 27.76
C VAL A 119 14.22 9.29 28.72
N GLN A 120 12.90 9.33 28.50
CA GLN A 120 11.99 10.13 29.30
C GLN A 120 10.72 9.32 29.48
N LEU A 121 10.07 9.49 30.62
CA LEU A 121 8.83 8.78 30.93
C LEU A 121 7.63 9.67 30.62
N VAL A 122 6.59 9.07 30.03
CA VAL A 122 5.40 9.81 29.60
C VAL A 122 4.18 9.09 30.15
N ALA A 123 3.33 9.82 30.89
CA ALA A 123 2.16 9.21 31.49
C ALA A 123 1.24 8.59 30.44
N GLN A 124 0.56 7.51 30.81
CA GLN A 124 -0.53 6.98 30.01
C GLN A 124 -1.46 8.11 29.59
N GLY A 125 -1.74 8.20 28.29
CA GLY A 125 -2.59 9.27 27.80
C GLY A 125 -1.89 10.58 27.53
N ASP A 126 -0.57 10.65 27.70
CA ASP A 126 0.24 11.84 27.46
C ASP A 126 -0.09 13.02 28.39
N HIS A 127 -0.67 12.77 29.56
CA HIS A 127 -0.95 13.86 30.51
C HIS A 127 0.33 14.47 31.06
N VAL A 128 0.39 15.79 31.07
CA VAL A 128 1.55 16.55 31.58
C VAL A 128 1.69 16.27 33.07
N PRO A 129 2.87 15.84 33.55
CA PRO A 129 3.04 15.64 35.00
C PRO A 129 2.91 16.96 35.76
N ASP A 130 2.18 16.91 36.87
CA ASP A 130 2.14 18.05 37.79
C ASP A 130 3.30 18.01 38.76
N HIS A 131 3.55 16.85 39.38
CA HIS A 131 4.64 16.67 40.31
C HIS A 131 5.40 15.40 39.97
N ILE A 132 6.71 15.44 40.18
CA ILE A 132 7.57 14.26 40.13
C ILE A 132 8.18 14.11 41.52
N ASN A 133 7.75 13.05 42.22
CA ASN A 133 8.20 12.77 43.59
C ASN A 133 9.37 11.80 43.55
N ILE A 134 10.52 12.26 44.02
CA ILE A 134 11.68 11.39 44.19
C ILE A 134 11.68 10.89 45.64
N LEU A 135 11.54 9.58 45.82
CA LEU A 135 11.39 9.01 47.16
C LEU A 135 12.73 8.60 47.75
N LYS A 136 12.73 8.40 49.07
CA LYS A 136 13.90 7.86 49.74
C LYS A 136 14.07 6.38 49.40
N ARG A 137 15.33 5.98 49.24
CA ARG A 137 15.65 4.58 48.97
C ARG A 137 15.14 3.67 50.07
N ASN A 138 15.29 4.10 51.32
CA ASN A 138 14.77 3.35 52.47
C ASN A 138 13.35 3.84 52.78
N GLN A 139 12.41 3.43 51.92
CA GLN A 139 10.98 3.78 52.03
C GLN A 139 10.13 2.68 51.37
N ILE A 140 8.95 2.40 51.93
CA ILE A 140 8.09 1.36 51.30
C ILE A 140 7.52 1.98 50.02
N PHE A 141 7.84 1.40 48.87
CA PHE A 141 7.33 1.95 47.59
C PHE A 141 5.81 2.01 47.65
N PRO A 142 5.17 3.14 47.27
CA PRO A 142 3.71 3.28 47.31
C PRO A 142 2.98 2.08 46.70
N LEU A 143 2.06 1.52 47.47
CA LEU A 143 1.32 0.34 47.00
C LEU A 143 0.06 0.75 46.25
N ALA B 2 -15.85 3.41 28.78
CA ALA B 2 -15.75 2.03 28.31
C ALA B 2 -14.89 1.94 27.04
N THR B 3 -13.87 1.07 27.07
CA THR B 3 -12.97 0.86 25.95
C THR B 3 -12.96 -0.63 25.62
N ASN B 4 -13.36 -0.99 24.40
CA ASN B 4 -13.44 -2.39 24.01
C ASN B 4 -12.75 -2.63 22.67
N PHE B 5 -12.04 -3.75 22.57
CA PHE B 5 -11.47 -4.22 21.32
C PHE B 5 -12.32 -5.35 20.75
N PHE B 6 -12.37 -5.40 19.42
CA PHE B 6 -13.08 -6.44 18.67
C PHE B 6 -12.09 -7.02 17.68
N ILE B 7 -11.88 -8.34 17.75
CA ILE B 7 -10.87 -9.03 16.94
C ILE B 7 -11.55 -10.18 16.22
N GLN B 8 -11.44 -10.20 14.90
CA GLN B 8 -12.01 -11.29 14.10
C GLN B 8 -10.92 -11.96 13.29
N PRO B 9 -10.69 -13.26 13.49
CA PRO B 9 -9.72 -13.97 12.65
C PRO B 9 -10.26 -14.14 11.24
N ILE B 10 -9.36 -14.01 10.27
CA ILE B 10 -9.67 -13.97 8.84
C ILE B 10 -9.41 -15.33 8.21
N THR B 11 -8.47 -16.09 8.79
CA THR B 11 -8.03 -17.35 8.23
C THR B 11 -8.29 -18.48 9.20
N GLU B 12 -8.14 -19.71 8.71
CA GLU B 12 -8.35 -20.86 9.57
C GLU B 12 -7.17 -21.07 10.51
N GLU B 13 -5.95 -20.76 10.07
CA GLU B 13 -4.82 -20.74 11.00
C GLU B 13 -5.10 -19.79 12.16
N ALA B 14 -5.57 -18.57 11.86
CA ALA B 14 -5.84 -17.60 12.91
C ALA B 14 -6.98 -18.06 13.81
N GLU B 15 -7.97 -18.74 13.24
CA GLU B 15 -9.10 -19.16 14.07
C GLU B 15 -8.64 -20.08 15.19
N ALA B 16 -7.61 -20.89 14.95
CA ALA B 16 -7.09 -21.77 15.99
C ALA B 16 -6.62 -20.98 17.21
N TYR B 17 -6.08 -19.77 17.01
CA TYR B 17 -5.63 -18.96 18.13
C TYR B 17 -6.71 -18.03 18.65
N TYR B 18 -7.79 -17.84 17.91
CA TYR B 18 -8.81 -16.86 18.23
C TYR B 18 -10.20 -17.50 18.23
N PRO B 19 -10.44 -18.50 19.07
CA PRO B 19 -11.82 -18.99 19.21
C PRO B 19 -12.69 -17.92 19.75
N PRO B 20 -13.99 -17.92 19.43
CA PRO B 20 -14.88 -16.86 19.91
C PRO B 20 -14.93 -16.85 21.43
N SER B 21 -14.85 -15.65 22.00
CA SER B 21 -14.88 -15.49 23.45
C SER B 21 -14.95 -14.01 23.79
N VAL B 22 -15.11 -13.74 25.09
CA VAL B 22 -14.97 -12.40 25.63
C VAL B 22 -13.89 -12.47 26.70
N ILE B 23 -12.83 -11.70 26.50
CA ILE B 23 -11.69 -11.70 27.41
C ILE B 23 -11.81 -10.48 28.30
N THR B 24 -11.77 -10.69 29.61
CA THR B 24 -11.78 -9.58 30.56
C THR B 24 -10.35 -9.19 30.87
N ASN B 25 -10.12 -7.90 31.07
CA ASN B 25 -8.78 -7.39 31.30
C ASN B 25 -8.63 -7.01 32.76
N LYS B 26 -8.72 -7.99 33.67
CA LYS B 26 -8.72 -7.69 35.10
C LYS B 26 -7.35 -7.26 35.61
N ARG B 27 -6.26 -7.61 34.91
CA ARG B 27 -4.96 -7.02 35.21
C ARG B 27 -4.89 -5.54 34.86
N LYS B 28 -5.84 -5.06 34.06
CA LYS B 28 -5.87 -3.69 33.56
C LYS B 28 -4.59 -3.35 32.79
N ASP B 29 -4.11 -4.32 32.01
CA ASP B 29 -2.97 -4.07 31.13
C ASP B 29 -3.37 -3.16 30.00
N LEU B 30 -2.39 -2.38 29.51
CA LEU B 30 -2.69 -1.40 28.48
C LEU B 30 -2.79 -2.04 27.09
N GLY B 31 -1.99 -3.07 26.81
CA GLY B 31 -1.97 -3.62 25.47
C GLY B 31 -2.67 -4.96 25.34
N VAL B 32 -3.07 -5.28 24.11
CA VAL B 32 -3.75 -6.53 23.78
C VAL B 32 -2.82 -7.34 22.90
N ASP B 33 -2.32 -8.47 23.41
CA ASP B 33 -1.40 -9.30 22.64
C ASP B 33 -2.09 -9.89 21.42
N VAL B 34 -1.38 -9.94 20.28
CA VAL B 34 -1.90 -10.59 19.09
C VAL B 34 -0.86 -11.57 18.55
N TYR B 35 -1.34 -12.73 18.12
CA TYR B 35 -0.52 -13.86 17.69
C TYR B 35 -0.03 -13.70 16.27
N CYS B 36 1.09 -14.37 15.97
CA CYS B 36 1.55 -14.42 14.59
C CYS B 36 0.66 -15.31 13.74
N CYS B 37 0.05 -16.35 14.34
CA CYS B 37 -0.95 -17.22 13.72
C CYS B 37 -0.42 -18.13 12.62
N SER B 38 0.85 -17.98 12.26
CA SER B 38 1.45 -18.79 11.21
C SER B 38 2.96 -18.62 11.34
N ASP B 39 3.70 -19.72 11.24
CA ASP B 39 5.16 -19.64 11.23
C ASP B 39 5.63 -18.74 10.10
N LEU B 40 6.66 -17.94 10.35
CA LEU B 40 7.16 -17.09 9.28
C LEU B 40 8.67 -17.01 9.34
N VAL B 41 9.30 -16.89 8.18
CA VAL B 41 10.72 -16.59 8.09
C VAL B 41 10.87 -15.11 7.73
N LEU B 42 11.62 -14.36 8.54
CA LEU B 42 11.84 -12.94 8.30
C LEU B 42 13.21 -12.77 7.68
N GLN B 43 13.24 -12.30 6.42
CA GLN B 43 14.52 -12.09 5.76
C GLN B 43 15.22 -10.88 6.37
N PRO B 44 16.55 -10.78 6.23
CA PRO B 44 17.23 -9.53 6.58
C PRO B 44 16.57 -8.34 5.89
N GLY B 45 16.45 -7.23 6.62
CA GLY B 45 15.77 -6.06 6.07
C GLY B 45 14.27 -6.03 6.34
N LEU B 46 13.52 -5.42 5.44
CA LEU B 46 12.11 -5.15 5.69
C LEU B 46 11.28 -6.40 5.40
N ASN B 47 10.26 -6.65 6.23
CA ASN B 47 9.30 -7.72 6.02
C ASN B 47 7.89 -7.19 6.26
N ILE B 48 6.97 -7.50 5.35
CA ILE B 48 5.54 -7.16 5.51
C ILE B 48 4.84 -8.41 5.98
N VAL B 49 4.24 -8.37 7.17
CA VAL B 49 3.73 -9.56 7.83
C VAL B 49 2.23 -9.40 8.05
N ARG B 50 1.45 -10.42 7.64
CA ARG B 50 0.02 -10.47 7.92
C ARG B 50 -0.22 -10.78 9.40
N LEU B 51 -1.20 -10.12 10.00
CA LEU B 51 -1.62 -10.54 11.33
C LEU B 51 -2.87 -11.42 11.31
N HIS B 52 -3.50 -11.62 10.15
CA HIS B 52 -4.61 -12.56 9.95
C HIS B 52 -5.88 -12.15 10.69
N ILE B 53 -5.99 -10.91 11.13
CA ILE B 53 -7.13 -10.45 11.89
C ILE B 53 -7.61 -9.11 11.35
N LYS B 54 -8.92 -8.87 11.50
CA LYS B 54 -9.51 -7.55 11.45
C LYS B 54 -9.81 -7.08 12.86
N VAL B 55 -9.59 -5.81 13.12
CA VAL B 55 -9.66 -5.29 14.48
C VAL B 55 -10.43 -3.99 14.47
N ALA B 56 -11.30 -3.83 15.47
CA ALA B 56 -11.92 -2.56 15.74
C ALA B 56 -11.74 -2.23 17.22
N CYS B 57 -11.68 -0.94 17.51
CA CYS B 57 -11.59 -0.42 18.85
C CYS B 57 -12.73 0.55 19.05
N GLU B 58 -13.40 0.50 20.19
CA GLU B 58 -14.43 1.47 20.52
C GLU B 58 -14.13 2.10 21.86
N HIS B 59 -14.33 3.42 21.96
CA HIS B 59 -14.23 4.12 23.22
C HIS B 59 -15.53 4.88 23.44
N MET B 60 -16.14 4.69 24.60
CA MET B 60 -17.44 5.28 24.92
C MET B 60 -18.45 5.06 23.80
N GLY B 61 -18.52 3.82 23.31
CA GLY B 61 -19.50 3.45 22.30
C GLY B 61 -19.24 3.95 20.89
N LYS B 62 -18.11 4.59 20.64
CA LYS B 62 -17.79 5.13 19.31
C LYS B 62 -16.49 4.49 18.81
N LYS B 63 -16.46 4.16 17.52
CA LYS B 63 -15.26 3.56 16.94
C LYS B 63 -14.10 4.55 17.03
N CYS B 64 -12.94 4.08 17.48
CA CYS B 64 -11.78 4.96 17.59
C CYS B 64 -10.56 4.28 16.94
N GLY B 65 -9.45 5.00 16.93
CA GLY B 65 -8.21 4.45 16.43
C GLY B 65 -7.52 3.57 17.45
N PHE B 66 -6.39 3.01 17.06
CA PHE B 66 -5.53 2.32 18.01
C PHE B 66 -4.12 2.25 17.42
N LYS B 67 -3.21 1.70 18.22
CA LYS B 67 -1.79 1.70 17.91
C LYS B 67 -1.24 0.30 18.09
N ILE B 68 -0.26 -0.05 17.25
CA ILE B 68 0.45 -1.33 17.35
C ILE B 68 1.82 -1.04 17.91
N MET B 69 2.17 -1.70 19.02
CA MET B 69 3.47 -1.56 19.68
C MET B 69 4.14 -2.91 19.81
N ALA B 70 5.45 -2.94 19.65
CA ALA B 70 6.21 -4.17 19.90
C ALA B 70 6.08 -4.57 21.36
N ARG B 71 6.05 -5.88 21.61
CA ARG B 71 6.25 -6.37 22.96
C ARG B 71 7.75 -6.47 23.25
N SER B 72 8.10 -6.55 24.53
CA SER B 72 9.50 -6.79 24.88
C SER B 72 9.99 -8.12 24.35
N SER B 73 9.07 -9.04 24.11
CA SER B 73 9.37 -10.36 23.57
C SER B 73 10.00 -10.29 22.18
N MET B 74 9.75 -9.22 21.43
CA MET B 74 10.03 -9.25 19.99
C MET B 74 11.52 -9.33 19.70
N CYS B 75 12.30 -8.50 20.37
CA CYS B 75 13.73 -8.38 20.07
C CYS B 75 14.52 -9.08 21.16
N THR B 76 15.36 -10.05 20.78
CA THR B 76 16.27 -10.72 21.69
C THR B 76 17.69 -10.56 21.15
N HIS B 77 18.68 -11.00 21.93
CA HIS B 77 20.06 -10.85 21.46
C HIS B 77 20.25 -11.55 20.12
N GLU B 78 19.54 -12.66 19.91
CA GLU B 78 19.69 -13.50 18.73
C GLU B 78 18.72 -13.16 17.60
N ARG B 79 17.65 -12.41 17.86
CA ARG B 79 16.81 -11.95 16.75
C ARG B 79 16.55 -10.45 16.93
N LEU B 80 17.29 -9.65 16.16
CA LEU B 80 17.23 -8.20 16.23
C LEU B 80 16.07 -7.74 15.35
N LEU B 81 14.89 -7.63 15.95
CA LEU B 81 13.68 -7.30 15.21
C LEU B 81 13.08 -6.01 15.75
N ILE B 82 12.73 -5.08 14.86
CA ILE B 82 12.04 -3.86 15.28
C ILE B 82 10.86 -3.61 14.36
N LEU B 83 9.89 -2.84 14.87
CA LEU B 83 8.80 -2.34 14.06
C LEU B 83 9.34 -1.18 13.23
N ALA B 84 9.20 -1.29 11.90
CA ALA B 84 9.73 -0.27 11.00
C ALA B 84 9.21 1.12 11.34
N ASN B 85 7.93 1.23 11.67
CA ASN B 85 7.36 2.55 11.88
C ASN B 85 7.40 2.99 13.33
N GLY B 86 8.12 2.26 14.18
CA GLY B 86 8.20 2.62 15.58
C GLY B 86 6.97 2.17 16.33
N ILE B 87 5.82 2.77 16.02
CA ILE B 87 4.53 2.21 16.38
C ILE B 87 3.61 2.36 15.19
N GLY B 88 2.70 1.40 15.03
CA GLY B 88 1.74 1.44 13.94
C GLY B 88 0.53 2.23 14.39
N LEU B 89 0.10 3.17 13.54
CA LEU B 89 -1.03 4.05 13.85
C LEU B 89 -2.20 3.62 12.98
N ILE B 90 -3.26 3.12 13.62
CA ILE B 90 -4.40 2.55 12.92
C ILE B 90 -5.59 3.48 13.08
N ASP B 91 -6.00 4.09 12.01
CA ASP B 91 -7.08 5.05 12.03
C ASP B 91 -8.44 4.34 12.11
N PRO B 92 -9.45 4.98 12.70
CA PRO B 92 -10.79 4.39 12.73
C PRO B 92 -11.35 4.08 11.34
N GLY B 93 -10.97 4.86 10.32
CA GLY B 93 -11.46 4.57 8.98
C GLY B 93 -10.84 3.41 8.26
N TYR B 94 -9.91 2.69 8.87
CA TYR B 94 -9.25 1.54 8.24
C TYR B 94 -10.07 0.28 8.55
N VAL B 95 -10.31 -0.54 7.53
CA VAL B 95 -11.16 -1.71 7.76
C VAL B 95 -10.61 -3.00 7.13
N GLY B 96 -9.36 -2.98 6.69
CA GLY B 96 -8.74 -4.17 6.15
C GLY B 96 -8.12 -5.06 7.24
N GLU B 97 -7.30 -6.00 6.79
CA GLU B 97 -6.50 -6.81 7.69
C GLU B 97 -5.32 -6.02 8.26
N LEU B 98 -5.01 -6.26 9.53
CA LEU B 98 -3.88 -5.60 10.14
C LEU B 98 -2.58 -6.22 9.60
N MET B 99 -1.61 -5.35 9.30
CA MET B 99 -0.30 -5.71 8.79
C MET B 99 0.80 -5.18 9.71
N LEU B 100 1.95 -5.83 9.67
CA LEU B 100 3.15 -5.36 10.36
C LEU B 100 4.28 -5.12 9.37
N LYS B 101 5.02 -4.02 9.54
CA LYS B 101 6.30 -3.84 8.87
C LYS B 101 7.38 -4.13 9.91
N ILE B 102 8.12 -5.21 9.73
CA ILE B 102 9.14 -5.64 10.69
C ILE B 102 10.48 -5.64 9.99
N ILE B 103 11.47 -5.02 10.61
CA ILE B 103 12.84 -5.03 10.09
C ILE B 103 13.65 -6.05 10.87
N ASN B 104 14.22 -7.02 10.15
CA ASN B 104 15.24 -7.92 10.69
C ASN B 104 16.58 -7.21 10.51
N LEU B 105 17.15 -6.77 11.62
CA LEU B 105 18.38 -6.00 11.60
C LEU B 105 19.62 -6.87 11.42
N GLY B 106 19.48 -8.19 11.56
CA GLY B 106 20.60 -9.09 11.38
C GLY B 106 20.82 -9.44 9.92
N ASP B 107 21.85 -10.23 9.68
CA ASP B 107 22.23 -10.60 8.33
C ASP B 107 21.80 -12.01 7.95
N THR B 108 21.04 -12.68 8.80
CA THR B 108 20.52 -14.00 8.49
C THR B 108 19.01 -14.03 8.71
N PRO B 109 18.30 -14.92 8.01
CA PRO B 109 16.85 -15.06 8.25
C PRO B 109 16.56 -15.50 9.68
N VAL B 110 15.50 -14.95 10.22
CA VAL B 110 15.06 -15.34 11.56
C VAL B 110 13.69 -16.01 11.42
N GLN B 111 13.42 -16.91 12.33
CA GLN B 111 12.19 -17.68 12.29
C GLN B 111 11.29 -17.22 13.43
N ILE B 112 10.01 -17.04 13.13
CA ILE B 112 9.01 -16.70 14.11
C ILE B 112 7.96 -17.81 14.08
N TRP B 113 7.40 -18.12 15.24
CA TRP B 113 6.47 -19.22 15.40
C TRP B 113 5.05 -18.70 15.57
N ALA B 114 4.09 -19.48 15.05
CA ALA B 114 2.69 -19.05 15.01
C ALA B 114 2.19 -18.60 16.36
N LYS B 115 2.67 -19.23 17.43
CA LYS B 115 2.18 -19.07 18.78
C LYS B 115 2.61 -17.73 19.37
N GLU B 116 3.71 -17.17 18.90
CA GLU B 116 4.29 -15.99 19.55
C GLU B 116 3.43 -14.76 19.32
N CYS B 117 3.48 -13.85 20.28
CA CYS B 117 2.85 -12.54 20.18
C CYS B 117 3.98 -11.52 20.14
N LEU B 118 4.28 -11.00 18.94
CA LEU B 118 5.36 -10.03 18.80
C LEU B 118 4.92 -8.60 19.08
N VAL B 119 3.62 -8.30 18.99
CA VAL B 119 3.14 -6.94 19.11
C VAL B 119 1.88 -6.94 19.98
N GLN B 120 1.48 -5.74 20.36
CA GLN B 120 0.27 -5.56 21.17
C GLN B 120 -0.46 -4.33 20.65
N LEU B 121 -1.78 -4.34 20.81
CA LEU B 121 -2.63 -3.24 20.38
C LEU B 121 -2.94 -2.37 21.58
N VAL B 122 -2.92 -1.07 21.37
CA VAL B 122 -3.17 -0.08 22.41
C VAL B 122 -4.18 0.92 21.88
N ALA B 123 -5.26 1.11 22.62
CA ALA B 123 -6.32 2.03 22.20
C ALA B 123 -5.77 3.45 22.06
N GLN B 124 -6.32 4.17 21.08
CA GLN B 124 -6.20 5.62 21.02
C GLN B 124 -6.37 6.23 22.40
N GLY B 125 -5.43 7.07 22.81
CA GLY B 125 -5.44 7.69 24.13
C GLY B 125 -4.92 6.82 25.25
N ASP B 126 -4.44 5.61 24.94
CA ASP B 126 -3.90 4.66 25.92
C ASP B 126 -4.94 4.22 26.96
N HIS B 127 -6.22 4.27 26.63
CA HIS B 127 -7.23 3.78 27.57
C HIS B 127 -7.09 2.28 27.79
N VAL B 128 -7.21 1.87 29.04
CA VAL B 128 -7.17 0.44 29.39
C VAL B 128 -8.39 -0.25 28.80
N PRO B 129 -8.22 -1.37 28.09
CA PRO B 129 -9.40 -2.10 27.59
C PRO B 129 -10.17 -2.76 28.73
N ASP B 130 -11.51 -2.69 28.63
CA ASP B 130 -12.39 -3.41 29.53
C ASP B 130 -12.67 -4.81 29.02
N HIS B 131 -13.01 -4.93 27.73
CA HIS B 131 -13.26 -6.22 27.10
C HIS B 131 -12.50 -6.32 25.80
N ILE B 132 -11.98 -7.51 25.52
CA ILE B 132 -11.47 -7.88 24.19
C ILE B 132 -12.42 -8.96 23.66
N ASN B 133 -13.20 -8.61 22.65
CA ASN B 133 -14.19 -9.52 22.08
C ASN B 133 -13.60 -10.20 20.85
N ILE B 134 -13.49 -11.51 20.91
CA ILE B 134 -13.01 -12.34 19.81
C ILE B 134 -14.21 -12.87 19.06
N LEU B 135 -14.38 -12.47 17.81
CA LEU B 135 -15.61 -12.67 17.06
C LEU B 135 -15.53 -13.91 16.17
N LYS B 136 -16.70 -14.45 15.83
CA LYS B 136 -16.76 -15.60 14.93
C LYS B 136 -16.21 -15.26 13.57
N ARG B 137 -15.52 -16.23 12.97
CA ARG B 137 -14.87 -16.03 11.68
C ARG B 137 -15.86 -15.86 10.52
N ASN B 138 -16.92 -16.67 10.47
CA ASN B 138 -17.69 -16.64 9.22
C ASN B 138 -18.49 -15.35 9.05
N GLN B 139 -18.93 -14.73 10.14
CA GLN B 139 -19.95 -13.70 10.07
C GLN B 139 -19.37 -12.37 9.61
N ILE B 140 -20.27 -11.46 9.24
CA ILE B 140 -19.90 -10.15 8.68
C ILE B 140 -20.44 -9.07 9.60
N PHE B 141 -19.53 -8.37 10.29
CA PHE B 141 -19.93 -7.45 11.36
C PHE B 141 -19.86 -6.00 10.90
N PRO B 142 -20.94 -5.24 11.13
CA PRO B 142 -20.91 -3.82 10.77
C PRO B 142 -19.96 -3.01 11.63
N LEU B 143 -19.54 -3.54 12.79
CA LEU B 143 -18.66 -2.74 13.63
C LEU B 143 -17.32 -2.47 12.95
N PHE B 144 -16.93 -3.31 11.99
CA PHE B 144 -15.73 -3.09 11.18
C PHE B 144 -15.96 -2.17 10.00
N ALA B 145 -16.98 -1.33 10.01
CA ALA B 145 -17.25 -0.49 8.86
C ALA B 145 -16.44 0.79 8.93
N PRO B 146 -16.16 1.42 7.78
CA PRO B 146 -15.47 2.70 7.84
C PRO B 146 -16.42 3.85 8.16
N ALA C 2 -12.52 20.86 21.11
CA ALA C 2 -11.95 20.63 19.79
C ALA C 2 -10.42 20.54 19.84
N THR C 3 -9.86 19.90 18.83
CA THR C 3 -8.41 19.71 18.70
C THR C 3 -7.99 20.26 17.36
N ASN C 4 -7.06 21.21 17.36
CA ASN C 4 -6.64 21.88 16.13
C ASN C 4 -5.14 22.00 16.06
N PHE C 5 -4.61 21.80 14.85
CA PHE C 5 -3.21 22.04 14.55
C PHE C 5 -3.06 23.39 13.84
N PHE C 6 -1.90 24.00 14.01
CA PHE C 6 -1.52 25.22 13.30
C PHE C 6 -0.14 25.00 12.73
N ILE C 7 -0.01 25.16 11.42
CA ILE C 7 1.25 24.91 10.73
C ILE C 7 1.63 26.18 9.99
N GLN C 8 2.84 26.66 10.23
CA GLN C 8 3.35 27.84 9.54
C GLN C 8 4.64 27.48 8.81
N PRO C 9 4.70 27.64 7.49
CA PRO C 9 5.98 27.49 6.78
C PRO C 9 6.93 28.62 7.15
N ILE C 10 8.21 28.28 7.31
CA ILE C 10 9.23 29.27 7.64
C ILE C 10 10.29 29.39 6.56
N THR C 11 10.18 28.65 5.46
CA THR C 11 11.04 28.80 4.30
C THR C 11 10.18 28.95 3.06
N GLU C 12 10.78 29.52 2.00
CA GLU C 12 10.05 29.61 0.75
C GLU C 12 9.77 28.23 0.15
N GLU C 13 10.66 27.26 0.36
CA GLU C 13 10.38 25.91 -0.09
C GLU C 13 9.08 25.39 0.51
N ALA C 14 8.92 25.54 1.83
CA ALA C 14 7.72 25.07 2.51
C ALA C 14 6.49 25.83 2.06
N GLU C 15 6.65 27.09 1.67
CA GLU C 15 5.50 27.90 1.29
C GLU C 15 4.81 27.32 0.07
N ALA C 16 5.58 26.81 -0.88
CA ALA C 16 5.00 26.13 -2.05
C ALA C 16 4.11 24.94 -1.63
N TYR C 17 4.44 24.26 -0.52
CA TYR C 17 3.66 23.10 -0.09
C TYR C 17 2.59 23.45 0.93
N TYR C 18 2.67 24.63 1.54
CA TYR C 18 1.77 25.01 2.62
C TYR C 18 1.12 26.36 2.31
N PRO C 19 0.24 26.39 1.31
CA PRO C 19 -0.52 27.62 1.05
C PRO C 19 -1.52 27.88 2.19
N PRO C 20 -1.76 29.14 2.51
CA PRO C 20 -2.68 29.44 3.61
C PRO C 20 -4.06 28.89 3.36
N SER C 21 -4.57 28.13 4.33
CA SER C 21 -5.85 27.43 4.15
C SER C 21 -6.26 26.85 5.49
N VAL C 22 -7.54 26.46 5.57
CA VAL C 22 -8.08 25.70 6.69
C VAL C 22 -8.52 24.34 6.16
N ILE C 23 -7.92 23.29 6.68
CA ILE C 23 -8.17 21.93 6.21
C ILE C 23 -9.04 21.22 7.24
N THR C 24 -10.10 20.56 6.79
CA THR C 24 -10.91 19.73 7.65
C THR C 24 -10.41 18.29 7.60
N ASN C 25 -10.72 17.54 8.64
CA ASN C 25 -10.30 16.14 8.74
C ASN C 25 -11.57 15.29 8.84
N LYS C 26 -12.33 15.24 7.75
CA LYS C 26 -13.58 14.51 7.84
C LYS C 26 -13.37 13.00 7.70
N ARG C 27 -12.22 12.56 7.15
CA ARG C 27 -11.90 11.14 7.28
C ARG C 27 -11.66 10.74 8.74
N LYS C 28 -11.38 11.72 9.61
CA LYS C 28 -11.10 11.48 11.04
C LYS C 28 -9.81 10.68 11.23
N ASP C 29 -8.81 10.95 10.40
CA ASP C 29 -7.51 10.31 10.60
C ASP C 29 -6.81 10.89 11.82
N LEU C 30 -5.96 10.07 12.45
CA LEU C 30 -5.29 10.52 13.67
C LEU C 30 -4.11 11.43 13.36
N GLY C 31 -3.35 11.15 12.30
CA GLY C 31 -2.13 11.89 12.01
C GLY C 31 -2.29 12.97 10.95
N VAL C 32 -1.43 13.99 11.03
CA VAL C 32 -1.38 15.09 10.06
C VAL C 32 -0.09 14.92 9.25
N ASP C 33 -0.23 14.57 7.97
CA ASP C 33 0.93 14.35 7.12
C ASP C 33 1.67 15.64 6.84
N VAL C 34 3.00 15.60 6.89
CA VAL C 34 3.82 16.80 6.63
C VAL C 34 4.92 16.46 5.63
N TYR C 35 5.20 17.41 4.73
CA TYR C 35 6.08 17.24 3.59
C TYR C 35 7.55 17.42 3.98
N CYS C 36 8.46 16.84 3.17
CA CYS C 36 9.88 17.11 3.33
C CYS C 36 10.29 18.49 2.81
N CYS C 37 9.56 18.98 1.79
CA CYS C 37 9.69 20.34 1.23
C CYS C 37 11.01 20.64 0.53
N SER C 38 11.89 19.65 0.41
CA SER C 38 13.15 19.83 -0.31
C SER C 38 13.57 18.42 -0.71
N ASP C 39 14.20 18.32 -1.87
CA ASP C 39 14.76 17.06 -2.34
C ASP C 39 16.01 16.73 -1.53
N LEU C 40 16.04 15.57 -0.86
CA LEU C 40 17.14 15.24 0.04
C LEU C 40 17.84 13.97 -0.41
N VAL C 41 19.12 13.84 -0.03
CA VAL C 41 19.84 12.57 -0.13
C VAL C 41 20.29 12.19 1.27
N LEU C 42 19.75 11.09 1.79
CA LEU C 42 20.09 10.62 3.14
C LEU C 42 21.25 9.65 3.05
N GLN C 43 22.32 9.97 3.78
CA GLN C 43 23.50 9.12 3.87
C GLN C 43 23.21 7.91 4.77
N PRO C 44 23.95 6.81 4.59
CA PRO C 44 23.89 5.72 5.57
C PRO C 44 24.14 6.26 6.97
N GLY C 45 23.41 5.71 7.95
CA GLY C 45 23.49 6.18 9.32
C GLY C 45 22.55 7.33 9.63
N LEU C 46 22.92 8.18 10.58
CA LEU C 46 22.04 9.25 11.03
C LEU C 46 22.02 10.42 10.06
N ASN C 47 20.84 11.02 9.88
CA ASN C 47 20.65 12.23 9.13
C ASN C 47 19.78 13.18 9.94
N ILE C 48 20.09 14.47 9.86
CA ILE C 48 19.24 15.49 10.43
C ILE C 48 18.40 16.07 9.31
N VAL C 49 17.08 16.04 9.47
CA VAL C 49 16.16 16.45 8.41
C VAL C 49 15.23 17.52 8.98
N ARG C 50 15.21 18.69 8.35
CA ARG C 50 14.32 19.76 8.79
C ARG C 50 12.96 19.61 8.10
N LEU C 51 11.90 20.02 8.81
CA LEU C 51 10.56 19.97 8.26
C LEU C 51 10.05 21.34 7.79
N HIS C 52 10.85 22.40 7.96
CA HIS C 52 10.56 23.71 7.37
C HIS C 52 9.31 24.38 7.95
N ILE C 53 8.85 23.96 9.13
CA ILE C 53 7.59 24.44 9.69
C ILE C 53 7.73 24.62 11.20
N LYS C 54 7.02 25.62 11.71
CA LYS C 54 6.67 25.71 13.12
C LYS C 54 5.24 25.21 13.29
N VAL C 55 4.99 24.48 14.37
CA VAL C 55 3.68 23.85 14.55
C VAL C 55 3.22 24.06 15.98
N ALA C 56 1.92 24.32 16.14
CA ALA C 56 1.28 24.35 17.43
C ALA C 56 0.05 23.46 17.38
N CYS C 57 -0.28 22.86 18.52
CA CYS C 57 -1.48 22.05 18.64
C CYS C 57 -2.25 22.59 19.83
N GLU C 58 -3.58 22.59 19.74
CA GLU C 58 -4.45 23.05 20.80
C GLU C 58 -5.51 22.01 21.07
N HIS C 59 -5.80 21.76 22.35
CA HIS C 59 -6.91 20.92 22.78
C HIS C 59 -7.74 21.72 23.78
N MET C 60 -9.06 21.68 23.62
CA MET C 60 -10.00 22.43 24.47
C MET C 60 -9.49 23.84 24.72
N GLY C 61 -9.08 24.51 23.65
CA GLY C 61 -8.67 25.90 23.70
C GLY C 61 -7.26 26.16 24.19
N LYS C 62 -6.60 25.18 24.80
CA LYS C 62 -5.29 25.38 25.42
C LYS C 62 -4.19 24.71 24.60
N LYS C 63 -3.06 25.37 24.50
CA LYS C 63 -1.94 24.82 23.77
C LYS C 63 -1.50 23.51 24.45
N CYS C 64 -1.18 22.51 23.63
CA CYS C 64 -0.79 21.19 24.11
C CYS C 64 0.38 20.70 23.27
N GLY C 65 0.98 19.60 23.69
CA GLY C 65 2.03 18.98 22.92
C GLY C 65 1.48 18.08 21.82
N PHE C 66 2.40 17.39 21.14
CA PHE C 66 2.00 16.42 20.11
C PHE C 66 3.20 15.53 19.80
N LYS C 67 2.99 14.56 18.91
CA LYS C 67 3.97 13.53 18.63
C LYS C 67 4.24 13.42 17.14
N ILE C 68 5.47 13.04 16.79
CA ILE C 68 5.86 12.79 15.41
C ILE C 68 6.03 11.30 15.24
N MET C 69 5.21 10.70 14.37
CA MET C 69 5.32 9.26 14.07
C MET C 69 5.60 9.05 12.60
N ALA C 70 6.39 8.03 12.29
CA ALA C 70 6.59 7.62 10.91
C ALA C 70 5.26 7.22 10.29
N ARG C 71 5.13 7.49 9.00
CA ARG C 71 4.08 6.86 8.20
C ARG C 71 4.58 5.52 7.70
N SER C 72 3.63 4.63 7.37
CA SER C 72 4.01 3.28 6.99
C SER C 72 4.89 3.27 5.76
N SER C 73 4.73 4.26 4.90
CA SER C 73 5.49 4.36 3.66
C SER C 73 6.88 4.91 3.86
N MET C 74 7.26 5.32 5.07
CA MET C 74 8.59 5.86 5.27
C MET C 74 9.66 4.79 5.01
N CYS C 75 9.37 3.54 5.39
CA CYS C 75 10.34 2.46 5.29
C CYS C 75 9.90 1.55 4.15
N THR C 76 10.75 1.41 3.14
CA THR C 76 10.53 0.44 2.07
C THR C 76 11.74 -0.48 1.95
N HIS C 77 11.58 -1.55 1.17
CA HIS C 77 12.72 -2.44 0.96
C HIS C 77 13.93 -1.68 0.47
N GLU C 78 13.70 -0.70 -0.42
CA GLU C 78 14.79 0.07 -1.00
C GLU C 78 15.36 1.10 -0.01
N ARG C 79 14.50 1.78 0.73
CA ARG C 79 14.88 2.86 1.62
C ARG C 79 14.54 2.40 3.03
N LEU C 80 15.51 1.79 3.72
CA LEU C 80 15.30 1.24 5.06
C LEU C 80 15.47 2.37 6.07
N LEU C 81 14.43 3.19 6.22
CA LEU C 81 14.49 4.39 7.04
C LEU C 81 13.67 4.25 8.30
N ILE C 82 14.23 4.70 9.44
CA ILE C 82 13.50 4.76 10.69
C ILE C 82 13.76 6.10 11.37
N LEU C 83 12.80 6.52 12.18
CA LEU C 83 13.00 7.64 13.09
C LEU C 83 13.90 7.21 14.24
N ALA C 84 15.00 7.93 14.46
CA ALA C 84 15.95 7.52 15.49
C ALA C 84 15.31 7.43 16.86
N ASN C 85 14.42 8.36 17.20
CA ASN C 85 13.85 8.40 18.55
C ASN C 85 12.58 7.59 18.67
N GLY C 86 12.25 6.78 17.66
CA GLY C 86 11.06 5.97 17.74
C GLY C 86 9.82 6.76 17.40
N ILE C 87 9.43 7.66 18.30
CA ILE C 87 8.49 8.73 17.97
C ILE C 87 9.06 10.02 18.56
N GLY C 88 8.69 11.15 17.95
CA GLY C 88 9.18 12.45 18.39
C GLY C 88 8.19 13.05 19.37
N LEU C 89 8.66 13.44 20.54
CA LEU C 89 7.82 14.01 21.57
C LEU C 89 8.00 15.52 21.58
N ILE C 90 6.95 16.26 21.27
CA ILE C 90 7.02 17.71 21.09
C ILE C 90 6.28 18.35 22.26
N ASP C 91 7.02 19.04 23.13
CA ASP C 91 6.41 19.64 24.29
C ASP C 91 5.57 20.87 23.91
N PRO C 92 4.58 21.21 24.74
CA PRO C 92 3.75 22.39 24.43
C PRO C 92 4.57 23.66 24.33
N GLY C 93 5.65 23.76 25.10
CA GLY C 93 6.46 24.96 25.09
C GLY C 93 7.31 25.14 23.85
N TYR C 94 7.59 24.08 23.11
CA TYR C 94 8.47 24.19 21.95
C TYR C 94 7.84 25.09 20.89
N VAL C 95 8.59 26.09 20.42
CA VAL C 95 8.10 26.95 19.36
C VAL C 95 9.10 27.02 18.22
N GLY C 96 10.07 26.10 18.20
CA GLY C 96 11.07 26.06 17.15
C GLY C 96 10.58 25.34 15.90
N GLU C 97 11.48 25.19 14.94
CA GLU C 97 11.22 24.39 13.77
C GLU C 97 11.17 22.90 14.14
N LEU C 98 10.20 22.18 13.59
CA LEU C 98 10.19 20.73 13.79
C LEU C 98 11.34 20.09 13.02
N MET C 99 12.09 19.20 13.69
CA MET C 99 13.22 18.48 13.10
C MET C 99 13.00 16.97 13.20
N LEU C 100 13.65 16.22 12.31
CA LEU C 100 13.71 14.76 12.36
C LEU C 100 15.14 14.27 12.42
N LYS C 101 15.35 13.19 13.19
CA LYS C 101 16.54 12.35 13.12
C LYS C 101 16.14 11.05 12.44
N ILE C 102 16.65 10.83 11.23
CA ILE C 102 16.33 9.65 10.44
C ILE C 102 17.57 8.80 10.26
N ILE C 103 17.47 7.51 10.56
CA ILE C 103 18.55 6.57 10.33
C ILE C 103 18.31 5.85 9.02
N ASN C 104 19.25 5.96 8.10
CA ASN C 104 19.24 5.16 6.89
C ASN C 104 20.02 3.90 7.25
N LEU C 105 19.28 2.80 7.49
CA LEU C 105 19.87 1.53 7.86
C LEU C 105 20.52 0.82 6.68
N GLY C 106 20.33 1.31 5.45
CA GLY C 106 20.91 0.71 4.27
C GLY C 106 22.38 1.08 4.09
N ASP C 107 22.96 0.58 3.01
CA ASP C 107 24.38 0.75 2.77
C ASP C 107 24.73 1.87 1.82
N THR C 108 23.75 2.45 1.12
CA THR C 108 24.02 3.49 0.14
C THR C 108 23.08 4.67 0.34
N PRO C 109 23.48 5.86 -0.11
CA PRO C 109 22.58 7.03 0.01
C PRO C 109 21.30 6.81 -0.78
N VAL C 110 20.19 7.38 -0.27
CA VAL C 110 18.89 7.28 -0.91
C VAL C 110 18.27 8.66 -1.06
N GLN C 111 17.53 8.83 -2.15
CA GLN C 111 16.88 10.07 -2.50
C GLN C 111 15.51 10.20 -1.83
N ILE C 112 15.24 11.36 -1.25
CA ILE C 112 13.89 11.72 -0.81
C ILE C 112 13.42 12.88 -1.68
N TRP C 113 12.15 12.81 -2.13
CA TRP C 113 11.58 13.88 -2.92
C TRP C 113 10.77 14.81 -2.03
N ALA C 114 10.79 16.10 -2.40
CA ALA C 114 10.18 17.13 -1.56
C ALA C 114 8.71 16.85 -1.26
N LYS C 115 7.98 16.25 -2.19
CA LYS C 115 6.54 16.04 -2.01
C LYS C 115 6.23 14.90 -1.04
N GLU C 116 7.21 14.09 -0.69
CA GLU C 116 6.94 12.94 0.16
C GLU C 116 6.66 13.37 1.59
N CYS C 117 5.68 12.71 2.22
CA CYS C 117 5.39 12.90 3.64
C CYS C 117 5.93 11.67 4.36
N LEU C 118 7.06 11.81 5.04
CA LEU C 118 7.64 10.64 5.70
C LEU C 118 7.04 10.41 7.08
N VAL C 119 6.51 11.45 7.70
CA VAL C 119 6.03 11.39 9.08
C VAL C 119 4.68 12.09 9.16
N GLN C 120 4.05 11.95 10.33
CA GLN C 120 2.74 12.52 10.61
C GLN C 120 2.71 12.98 12.06
N LEU C 121 1.94 14.03 12.32
CA LEU C 121 1.82 14.62 13.66
C LEU C 121 0.55 14.16 14.33
N VAL C 122 0.65 13.81 15.61
CA VAL C 122 -0.46 13.26 16.38
C VAL C 122 -0.56 14.04 17.68
N ALA C 123 -1.75 14.58 17.94
CA ALA C 123 -1.94 15.42 19.12
C ALA C 123 -1.68 14.63 20.39
N GLN C 124 -1.19 15.33 21.41
CA GLN C 124 -1.12 14.80 22.76
C GLN C 124 -2.44 14.11 23.11
N GLY C 125 -2.35 12.89 23.66
CA GLY C 125 -3.54 12.12 23.96
C GLY C 125 -4.23 11.48 22.77
N ASP C 126 -3.63 11.57 21.57
CA ASP C 126 -4.14 10.93 20.35
C ASP C 126 -5.51 11.48 19.91
N HIS C 127 -5.84 12.72 20.27
CA HIS C 127 -7.13 13.29 19.88
C HIS C 127 -7.19 13.55 18.38
N VAL C 128 -8.28 13.16 17.75
CA VAL C 128 -8.44 13.36 16.29
C VAL C 128 -8.53 14.85 16.01
N PRO C 129 -7.76 15.37 15.05
CA PRO C 129 -7.84 16.81 14.76
C PRO C 129 -9.12 17.15 14.01
N ASP C 130 -9.71 18.27 14.39
CA ASP C 130 -10.87 18.80 13.67
C ASP C 130 -10.44 19.70 12.52
N HIS C 131 -9.50 20.61 12.78
CA HIS C 131 -8.99 21.52 11.75
C HIS C 131 -7.48 21.54 11.75
N ILE C 132 -6.90 21.66 10.56
CA ILE C 132 -5.47 21.89 10.39
C ILE C 132 -5.36 23.24 9.70
N ASN C 133 -4.89 24.24 10.44
CA ASN C 133 -4.78 25.60 9.94
C ASN C 133 -3.38 25.83 9.40
N ILE C 134 -3.28 26.18 8.13
CA ILE C 134 -2.01 26.49 7.49
C ILE C 134 -1.89 28.01 7.46
N LEU C 135 -0.94 28.54 8.23
CA LEU C 135 -0.81 29.96 8.42
C LEU C 135 0.11 30.56 7.36
N LYS C 136 -0.04 31.87 7.17
CA LYS C 136 0.85 32.58 6.27
C LYS C 136 2.25 32.65 6.86
N ARG C 137 3.25 32.60 5.99
CA ARG C 137 4.63 32.67 6.43
C ARG C 137 4.95 34.00 7.10
N ASN C 138 4.57 35.11 6.46
CA ASN C 138 5.05 36.42 6.86
C ASN C 138 4.08 37.06 7.85
N GLN C 139 3.94 36.41 9.01
CA GLN C 139 3.01 36.87 10.02
C GLN C 139 3.43 36.29 11.37
N ILE C 140 3.54 37.15 12.37
CA ILE C 140 3.94 36.75 13.72
C ILE C 140 2.69 36.45 14.52
N PHE C 141 2.52 35.19 14.91
CA PHE C 141 1.35 34.77 15.66
C PHE C 141 1.69 34.46 17.11
N PRO C 142 0.94 34.99 18.08
CA PRO C 142 1.08 34.49 19.46
C PRO C 142 0.35 33.17 19.66
N ALA D 2 9.76 9.85 -29.78
CA ALA D 2 10.47 8.68 -29.24
C ALA D 2 9.87 8.21 -27.91
N THR D 3 9.97 6.90 -27.67
CA THR D 3 9.48 6.30 -26.43
C THR D 3 10.63 5.49 -25.84
N ASN D 4 11.01 5.83 -24.61
CA ASN D 4 12.15 5.21 -23.97
C ASN D 4 11.80 4.72 -22.57
N PHE D 5 12.33 3.56 -22.21
CA PHE D 5 12.27 3.04 -20.84
C PHE D 5 13.62 3.23 -20.17
N PHE D 6 13.59 3.50 -18.86
CA PHE D 6 14.78 3.58 -18.04
C PHE D 6 14.60 2.64 -16.87
N ILE D 7 15.57 1.75 -16.65
CA ILE D 7 15.49 0.71 -15.62
C ILE D 7 16.77 0.77 -14.80
N GLN D 8 16.63 0.81 -13.48
CA GLN D 8 17.78 0.82 -12.57
C GLN D 8 17.66 -0.31 -11.56
N PRO D 9 18.58 -1.27 -11.57
CA PRO D 9 18.58 -2.29 -10.52
C PRO D 9 18.94 -1.65 -9.19
N ILE D 10 18.31 -2.11 -8.13
CA ILE D 10 18.57 -1.55 -6.80
C ILE D 10 19.20 -2.55 -5.85
N THR D 11 19.23 -3.84 -6.18
CA THR D 11 19.91 -4.84 -5.38
C THR D 11 21.07 -5.43 -6.17
N GLU D 12 21.92 -6.16 -5.44
CA GLU D 12 23.04 -6.85 -6.05
C GLU D 12 22.57 -7.95 -6.99
N GLU D 13 21.55 -8.70 -6.59
CA GLU D 13 21.02 -9.74 -7.46
C GLU D 13 20.52 -9.14 -8.77
N ALA D 14 19.76 -8.04 -8.69
CA ALA D 14 19.25 -7.42 -9.91
C ALA D 14 20.39 -6.92 -10.79
N GLU D 15 21.47 -6.43 -10.17
CA GLU D 15 22.57 -5.92 -10.98
C GLU D 15 23.16 -7.00 -11.88
N ALA D 16 23.16 -8.25 -11.42
CA ALA D 16 23.63 -9.35 -12.27
C ALA D 16 22.82 -9.43 -13.55
N TYR D 17 21.51 -9.15 -13.49
CA TYR D 17 20.66 -9.21 -14.66
C TYR D 17 20.57 -7.89 -15.42
N TYR D 18 20.96 -6.79 -14.80
CA TYR D 18 20.83 -5.46 -15.41
C TYR D 18 22.16 -4.74 -15.38
N PRO D 19 23.18 -5.25 -16.09
CA PRO D 19 24.40 -4.46 -16.26
C PRO D 19 24.11 -3.23 -17.09
N PRO D 20 24.88 -2.16 -16.90
CA PRO D 20 24.60 -0.91 -17.64
C PRO D 20 24.72 -1.13 -19.14
N SER D 21 23.71 -0.67 -19.88
CA SER D 21 23.65 -0.87 -21.33
C SER D 21 22.49 -0.08 -21.90
N VAL D 22 22.51 0.06 -23.23
CA VAL D 22 21.40 0.64 -23.99
C VAL D 22 20.92 -0.44 -24.95
N ILE D 23 19.70 -0.93 -24.72
CA ILE D 23 19.11 -1.99 -25.54
C ILE D 23 18.22 -1.33 -26.60
N THR D 24 18.47 -1.67 -27.85
CA THR D 24 17.62 -1.18 -28.94
C THR D 24 16.56 -2.24 -29.24
N ASN D 25 15.39 -1.79 -29.68
CA ASN D 25 14.24 -2.66 -29.87
C ASN D 25 14.03 -2.87 -31.35
N LYS D 26 14.95 -3.63 -31.96
CA LYS D 26 14.95 -3.71 -33.42
C LYS D 26 13.73 -4.46 -33.94
N ARG D 27 13.36 -5.57 -33.32
CA ARG D 27 12.18 -6.27 -33.77
C ARG D 27 10.87 -5.52 -33.44
N LYS D 28 10.97 -4.34 -32.82
CA LYS D 28 9.82 -3.48 -32.54
C LYS D 28 8.77 -4.18 -31.69
N ASP D 29 9.23 -4.94 -30.70
CA ASP D 29 8.34 -5.55 -29.72
C ASP D 29 7.68 -4.48 -28.84
N LEU D 30 6.45 -4.76 -28.41
CA LEU D 30 5.71 -3.80 -27.60
C LEU D 30 6.13 -3.83 -26.13
N GLY D 31 6.50 -5.00 -25.60
CA GLY D 31 6.78 -5.14 -24.18
C GLY D 31 8.26 -5.20 -23.86
N VAL D 32 8.59 -4.77 -22.63
CA VAL D 32 9.96 -4.85 -22.10
C VAL D 32 9.94 -5.91 -21.02
N ASP D 33 10.58 -7.05 -21.27
CA ASP D 33 10.66 -8.12 -20.28
C ASP D 33 11.49 -7.69 -19.07
N VAL D 34 11.08 -8.10 -17.87
CA VAL D 34 11.83 -7.82 -16.66
C VAL D 34 11.97 -9.09 -15.83
N TYR D 35 13.16 -9.27 -15.23
CA TYR D 35 13.53 -10.50 -14.56
C TYR D 35 13.00 -10.56 -13.13
N CYS D 36 12.84 -11.79 -12.64
CA CYS D 36 12.54 -11.97 -11.21
C CYS D 36 13.73 -11.61 -10.31
N CYS D 37 14.96 -11.70 -10.82
CA CYS D 37 16.26 -11.35 -10.16
C CYS D 37 16.63 -12.29 -9.00
N SER D 38 15.64 -12.89 -8.35
CA SER D 38 15.95 -13.86 -7.28
C SER D 38 14.90 -14.96 -7.31
N ASP D 39 15.29 -16.19 -6.98
CA ASP D 39 14.32 -17.28 -6.86
C ASP D 39 13.28 -16.95 -5.79
N LEU D 40 12.07 -17.44 -6.01
CA LEU D 40 11.00 -17.19 -5.06
C LEU D 40 10.08 -18.38 -5.04
N VAL D 41 9.47 -18.62 -3.88
CA VAL D 41 8.42 -19.61 -3.71
C VAL D 41 7.12 -18.85 -3.50
N LEU D 42 6.15 -19.09 -4.39
CA LEU D 42 4.86 -18.41 -4.33
C LEU D 42 3.86 -19.32 -3.65
N GLN D 43 3.34 -18.88 -2.53
CA GLN D 43 2.35 -19.66 -1.78
C GLN D 43 0.99 -19.58 -2.47
N PRO D 44 0.13 -20.58 -2.27
CA PRO D 44 -1.25 -20.47 -2.74
C PRO D 44 -1.86 -19.16 -2.28
N GLY D 45 -2.59 -18.52 -3.18
CA GLY D 45 -3.18 -17.22 -2.88
C GLY D 45 -2.32 -16.08 -3.37
N LEU D 46 -2.50 -14.92 -2.70
CA LEU D 46 -1.86 -13.69 -3.14
C LEU D 46 -0.41 -13.63 -2.67
N ASN D 47 0.46 -13.10 -3.53
CA ASN D 47 1.87 -12.96 -3.26
C ASN D 47 2.31 -11.57 -3.72
N ILE D 48 3.07 -10.87 -2.88
CA ILE D 48 3.66 -9.59 -3.22
C ILE D 48 5.12 -9.84 -3.56
N VAL D 49 5.51 -9.53 -4.80
CA VAL D 49 6.82 -9.88 -5.32
C VAL D 49 7.56 -8.59 -5.69
N ARG D 50 8.74 -8.38 -5.11
CA ARG D 50 9.57 -7.26 -5.53
C ARG D 50 10.16 -7.54 -6.90
N LEU D 51 10.25 -6.49 -7.73
CA LEU D 51 10.94 -6.64 -9.01
C LEU D 51 12.39 -6.14 -8.96
N HIS D 52 12.82 -5.53 -7.86
CA HIS D 52 14.20 -5.12 -7.62
C HIS D 52 14.67 -4.02 -8.55
N ILE D 53 13.75 -3.26 -9.14
CA ILE D 53 14.11 -2.24 -10.11
C ILE D 53 13.29 -1.00 -9.86
N LYS D 54 13.88 0.14 -10.23
CA LYS D 54 13.15 1.39 -10.47
C LYS D 54 12.97 1.55 -11.96
N VAL D 55 11.82 2.10 -12.38
CA VAL D 55 11.50 2.21 -13.79
C VAL D 55 10.91 3.57 -14.07
N ALA D 56 11.35 4.19 -15.16
CA ALA D 56 10.71 5.37 -15.70
C ALA D 56 10.44 5.12 -17.19
N CYS D 57 9.33 5.67 -17.65
CA CYS D 57 8.96 5.69 -19.06
C CYS D 57 8.88 7.13 -19.52
N GLU D 58 9.40 7.40 -20.72
CA GLU D 58 9.30 8.72 -21.32
C GLU D 58 8.77 8.60 -22.74
N HIS D 59 7.85 9.49 -23.08
CA HIS D 59 7.30 9.59 -24.43
C HIS D 59 7.29 11.05 -24.83
N MET D 60 7.86 11.35 -26.01
CA MET D 60 7.94 12.72 -26.50
C MET D 60 8.75 13.61 -25.54
N GLY D 61 9.78 13.03 -24.92
CA GLY D 61 10.59 13.73 -23.94
C GLY D 61 9.96 13.92 -22.58
N LYS D 62 8.69 13.53 -22.40
CA LYS D 62 7.93 13.77 -21.18
C LYS D 62 7.73 12.44 -20.45
N LYS D 63 7.95 12.44 -19.13
CA LYS D 63 7.74 11.24 -18.34
C LYS D 63 6.27 10.85 -18.39
N CYS D 64 6.00 9.56 -18.63
CA CYS D 64 4.63 9.09 -18.75
C CYS D 64 4.45 7.83 -17.90
N GLY D 65 3.24 7.28 -17.91
CA GLY D 65 2.97 6.05 -17.19
C GLY D 65 3.35 4.83 -18.00
N PHE D 66 3.16 3.67 -17.41
CA PHE D 66 3.34 2.44 -18.16
C PHE D 66 2.52 1.36 -17.48
N LYS D 67 2.46 0.19 -18.12
CA LYS D 67 1.58 -0.89 -17.71
C LYS D 67 2.40 -2.15 -17.54
N ILE D 68 2.00 -2.98 -16.59
CA ILE D 68 2.64 -4.27 -16.34
C ILE D 68 1.69 -5.36 -16.81
N MET D 69 2.11 -6.15 -17.79
CA MET D 69 1.28 -7.24 -18.33
C MET D 69 1.96 -8.59 -18.14
N ALA D 70 1.17 -9.63 -17.92
CA ALA D 70 1.72 -10.98 -17.79
C ALA D 70 2.37 -11.41 -19.10
N ARG D 71 3.40 -12.26 -19.00
CA ARG D 71 3.90 -13.01 -20.15
C ARG D 71 3.31 -14.42 -20.10
N SER D 72 3.38 -15.13 -21.23
CA SER D 72 2.83 -16.48 -21.29
C SER D 72 3.52 -17.45 -20.34
N SER D 73 4.75 -17.15 -19.95
CA SER D 73 5.49 -18.04 -19.06
C SER D 73 4.88 -18.10 -17.66
N MET D 74 3.90 -17.25 -17.35
CA MET D 74 3.33 -17.23 -16.01
C MET D 74 2.48 -18.46 -15.74
N CYS D 75 1.80 -18.98 -16.75
CA CYS D 75 0.99 -20.17 -16.66
C CYS D 75 1.60 -21.25 -17.53
N THR D 76 1.98 -22.37 -16.92
CA THR D 76 2.51 -23.50 -17.65
C THR D 76 1.80 -24.76 -17.18
N HIS D 77 2.25 -25.90 -17.72
CA HIS D 77 1.73 -27.19 -17.30
C HIS D 77 1.82 -27.42 -15.80
N GLU D 78 2.66 -26.65 -15.09
CA GLU D 78 2.87 -26.87 -13.66
C GLU D 78 2.69 -25.65 -12.77
N ARG D 79 2.17 -24.53 -13.27
CA ARG D 79 1.83 -23.44 -12.37
C ARG D 79 0.73 -22.58 -12.95
N LEU D 80 -0.20 -22.17 -12.09
CA LEU D 80 -1.32 -21.31 -12.47
C LEU D 80 -1.12 -19.99 -11.74
N LEU D 81 -0.41 -19.07 -12.37
CA LEU D 81 -0.15 -17.77 -11.78
C LEU D 81 -0.85 -16.70 -12.60
N ILE D 82 -1.52 -15.77 -11.92
CA ILE D 82 -2.09 -14.62 -12.62
C ILE D 82 -1.71 -13.34 -11.90
N LEU D 83 -1.61 -12.26 -12.67
CA LEU D 83 -1.46 -10.93 -12.10
C LEU D 83 -2.77 -10.55 -11.45
N ALA D 84 -2.74 -10.12 -10.18
CA ALA D 84 -3.98 -9.93 -9.42
C ALA D 84 -4.89 -8.87 -10.03
N ASN D 85 -4.33 -7.80 -10.60
CA ASN D 85 -5.19 -6.71 -11.04
C ASN D 85 -5.36 -6.68 -12.56
N GLY D 86 -5.13 -7.81 -13.22
CA GLY D 86 -5.27 -7.95 -14.65
C GLY D 86 -4.08 -7.37 -15.39
N ILE D 87 -3.97 -6.06 -15.32
CA ILE D 87 -2.82 -5.29 -15.79
C ILE D 87 -2.44 -4.36 -14.65
N GLY D 88 -1.15 -4.19 -14.41
CA GLY D 88 -0.68 -3.21 -13.45
C GLY D 88 -0.55 -1.86 -14.14
N LEU D 89 -1.10 -0.83 -13.54
CA LEU D 89 -1.09 0.52 -14.11
C LEU D 89 -0.16 1.36 -13.25
N ILE D 90 0.92 1.86 -13.83
CA ILE D 90 1.94 2.61 -13.10
C ILE D 90 1.90 4.06 -13.54
N ASP D 91 1.61 4.96 -12.60
CA ASP D 91 1.53 6.40 -12.78
C ASP D 91 2.93 7.03 -12.78
N PRO D 92 3.13 8.12 -13.52
CA PRO D 92 4.44 8.81 -13.47
C PRO D 92 4.74 9.48 -12.13
N GLY D 93 3.75 9.63 -11.26
CA GLY D 93 3.99 10.07 -9.90
C GLY D 93 4.45 8.99 -8.96
N TYR D 94 4.52 7.73 -9.40
CA TYR D 94 4.91 6.64 -8.51
C TYR D 94 6.40 6.73 -8.19
N VAL D 95 6.74 6.53 -6.92
CA VAL D 95 8.08 6.89 -6.45
C VAL D 95 9.06 5.71 -6.48
N GLY D 96 8.73 4.57 -5.89
CA GLY D 96 9.78 3.60 -5.63
C GLY D 96 9.97 2.40 -6.54
N GLU D 97 10.17 1.24 -5.91
CA GLU D 97 10.48 0.00 -6.60
C GLU D 97 9.19 -0.62 -7.14
N LEU D 98 9.26 -1.18 -8.35
CA LEU D 98 8.12 -1.90 -8.91
C LEU D 98 7.86 -3.18 -8.11
N MET D 99 6.58 -3.41 -7.75
CA MET D 99 6.13 -4.61 -7.09
C MET D 99 5.05 -5.30 -7.92
N LEU D 100 4.90 -6.60 -7.73
CA LEU D 100 3.89 -7.39 -8.43
C LEU D 100 2.94 -8.01 -7.42
N LYS D 101 1.65 -7.99 -7.73
CA LYS D 101 0.66 -8.77 -7.00
C LYS D 101 0.32 -9.99 -7.84
N ILE D 102 0.78 -11.15 -7.42
CA ILE D 102 0.62 -12.38 -8.20
C ILE D 102 -0.22 -13.34 -7.40
N ILE D 103 -1.25 -13.90 -8.02
CA ILE D 103 -2.09 -14.90 -7.36
C ILE D 103 -1.66 -16.27 -7.86
N ASN D 104 -1.25 -17.12 -6.94
CA ASN D 104 -1.03 -18.53 -7.24
C ASN D 104 -2.37 -19.23 -7.08
N LEU D 105 -2.97 -19.63 -8.21
CA LEU D 105 -4.29 -20.24 -8.17
C LEU D 105 -4.25 -21.70 -7.74
N GLY D 106 -3.07 -22.32 -7.72
CA GLY D 106 -2.95 -23.73 -7.40
C GLY D 106 -3.02 -24.01 -5.92
N ASP D 107 -2.99 -25.29 -5.59
CA ASP D 107 -3.10 -25.70 -4.19
C ASP D 107 -1.76 -25.78 -3.47
N THR D 108 -0.66 -25.91 -4.20
CA THR D 108 0.68 -26.08 -3.66
C THR D 108 1.56 -24.89 -4.00
N PRO D 109 2.62 -24.65 -3.23
CA PRO D 109 3.55 -23.56 -3.57
C PRO D 109 4.25 -23.85 -4.89
N VAL D 110 4.65 -22.80 -5.58
CA VAL D 110 5.30 -22.92 -6.88
C VAL D 110 6.59 -22.13 -6.88
N GLN D 111 7.59 -22.66 -7.56
CA GLN D 111 8.93 -22.08 -7.59
C GLN D 111 9.10 -21.22 -8.82
N ILE D 112 9.55 -19.99 -8.61
CA ILE D 112 9.97 -19.11 -9.71
C ILE D 112 11.47 -18.92 -9.61
N TRP D 113 12.11 -18.83 -10.77
CA TRP D 113 13.57 -18.72 -10.83
C TRP D 113 13.95 -17.29 -11.22
N ALA D 114 15.11 -16.86 -10.71
CA ALA D 114 15.59 -15.50 -10.88
C ALA D 114 15.64 -15.07 -12.33
N LYS D 115 16.01 -16.01 -13.21
CA LYS D 115 16.23 -15.70 -14.62
C LYS D 115 14.93 -15.51 -15.37
N GLU D 116 13.81 -15.97 -14.81
CA GLU D 116 12.54 -15.88 -15.51
C GLU D 116 12.05 -14.44 -15.63
N CYS D 117 11.38 -14.15 -16.73
CA CYS D 117 10.63 -12.90 -16.93
C CYS D 117 9.15 -13.23 -16.92
N LEU D 118 8.49 -13.00 -15.78
CA LEU D 118 7.07 -13.31 -15.66
C LEU D 118 6.18 -12.25 -16.27
N VAL D 119 6.65 -11.00 -16.36
CA VAL D 119 5.84 -9.86 -16.79
C VAL D 119 6.66 -9.02 -17.76
N GLN D 120 5.97 -8.13 -18.46
CA GLN D 120 6.59 -7.20 -19.38
C GLN D 120 5.98 -5.82 -19.17
N LEU D 121 6.78 -4.78 -19.40
CA LEU D 121 6.36 -3.40 -19.26
C LEU D 121 5.92 -2.88 -20.62
N VAL D 122 4.82 -2.12 -20.64
CA VAL D 122 4.26 -1.55 -21.86
C VAL D 122 4.00 -0.07 -21.63
N ALA D 123 4.50 0.77 -22.54
CA ALA D 123 4.31 2.20 -22.36
C ALA D 123 2.82 2.55 -22.43
N GLN D 124 2.45 3.56 -21.63
CA GLN D 124 1.18 4.25 -21.80
C GLN D 124 0.90 4.47 -23.28
N GLY D 125 -0.30 4.12 -23.73
CA GLY D 125 -0.67 4.26 -25.13
C GLY D 125 -0.13 3.18 -26.06
N ASP D 126 0.58 2.19 -25.52
CA ASP D 126 1.11 1.05 -26.26
C ASP D 126 2.24 1.42 -27.22
N HIS D 127 2.90 2.55 -27.02
CA HIS D 127 3.97 2.96 -27.93
C HIS D 127 5.14 1.99 -27.87
N VAL D 128 5.72 1.71 -29.04
CA VAL D 128 6.86 0.78 -29.12
C VAL D 128 8.10 1.47 -28.58
N PRO D 129 8.84 0.87 -27.66
CA PRO D 129 10.01 1.55 -27.12
C PRO D 129 11.12 1.60 -28.15
N ASP D 130 11.74 2.78 -28.28
CA ASP D 130 12.91 2.92 -29.13
C ASP D 130 14.16 2.38 -28.45
N HIS D 131 14.37 2.76 -27.19
CA HIS D 131 15.49 2.27 -26.41
C HIS D 131 15.01 1.86 -25.03
N ILE D 132 15.72 0.90 -24.46
CA ILE D 132 15.59 0.54 -23.06
C ILE D 132 16.96 0.78 -22.44
N ASN D 133 17.05 1.80 -21.60
CA ASN D 133 18.29 2.21 -20.97
C ASN D 133 18.40 1.58 -19.59
N ILE D 134 19.45 0.77 -19.40
CA ILE D 134 19.73 0.10 -18.14
C ILE D 134 20.81 0.91 -17.43
N LEU D 135 20.51 1.41 -16.24
CA LEU D 135 21.33 2.43 -15.61
C LEU D 135 22.17 1.83 -14.48
N LYS D 136 23.26 2.52 -14.13
CA LYS D 136 24.13 2.01 -13.08
C LYS D 136 23.41 2.08 -11.74
N ARG D 137 23.58 1.03 -10.93
CA ARG D 137 22.85 0.90 -9.68
C ARG D 137 23.13 2.06 -8.72
N ASN D 138 24.39 2.44 -8.55
CA ASN D 138 24.61 3.35 -7.44
C ASN D 138 24.90 4.77 -7.93
N GLN D 139 23.98 5.30 -8.73
CA GLN D 139 23.87 6.72 -9.03
C GLN D 139 22.43 7.13 -8.75
N ILE D 140 22.19 8.43 -8.62
CA ILE D 140 20.87 8.94 -8.29
C ILE D 140 20.37 9.77 -9.46
N PHE D 141 19.34 9.23 -10.20
CA PHE D 141 18.95 9.89 -11.44
C PHE D 141 17.68 10.70 -11.22
N PRO D 142 17.63 11.97 -11.65
CA PRO D 142 16.39 12.72 -11.50
C PRO D 142 15.27 12.27 -12.42
N LEU D 143 15.53 11.39 -13.39
CA LEU D 143 14.44 10.93 -14.25
C LEU D 143 13.44 10.06 -13.50
N PHE D 144 13.81 9.56 -12.32
CA PHE D 144 12.91 8.80 -11.48
C PHE D 144 12.07 9.69 -10.57
N ALA D 145 12.25 11.00 -10.64
CA ALA D 145 11.49 11.90 -9.78
C ALA D 145 10.00 11.85 -10.13
N PRO D 146 9.11 11.95 -9.15
CA PRO D 146 7.66 12.05 -9.40
C PRO D 146 7.28 13.41 -9.98
N ALA E 2 -5.23 4.95 -41.48
CA ALA E 2 -6.37 4.15 -41.03
C ALA E 2 -5.92 3.01 -40.08
N THR E 3 -6.87 2.34 -39.46
CA THR E 3 -6.57 1.16 -38.64
C THR E 3 -7.31 -0.03 -39.22
N ASN E 4 -6.56 -1.07 -39.60
CA ASN E 4 -7.16 -2.22 -40.27
C ASN E 4 -6.72 -3.51 -39.63
N PHE E 5 -7.61 -4.49 -39.59
CA PHE E 5 -7.28 -5.85 -39.18
C PHE E 5 -7.37 -6.77 -40.39
N PHE E 6 -6.49 -7.76 -40.42
CA PHE E 6 -6.49 -8.81 -41.44
C PHE E 6 -6.56 -10.15 -40.73
N ILE E 7 -7.59 -10.94 -41.02
CA ILE E 7 -7.75 -12.27 -40.46
C ILE E 7 -7.71 -13.30 -41.58
N GLN E 8 -6.86 -14.31 -41.44
CA GLN E 8 -6.78 -15.42 -42.40
C GLN E 8 -7.08 -16.74 -41.71
N PRO E 9 -8.19 -17.41 -42.03
CA PRO E 9 -8.41 -18.75 -41.47
C PRO E 9 -7.36 -19.72 -42.00
N ILE E 10 -6.83 -20.53 -41.08
CA ILE E 10 -5.80 -21.49 -41.45
C ILE E 10 -6.41 -22.79 -41.97
N THR E 11 -7.55 -23.18 -41.39
CA THR E 11 -8.14 -24.48 -41.63
C THR E 11 -9.50 -24.34 -42.30
N GLU E 12 -9.89 -25.44 -42.95
CA GLU E 12 -11.22 -25.55 -43.55
C GLU E 12 -12.31 -25.29 -42.52
N GLU E 13 -12.18 -25.86 -41.33
CA GLU E 13 -13.19 -25.68 -40.28
C GLU E 13 -13.33 -24.19 -39.93
N ALA E 14 -12.21 -23.50 -39.73
CA ALA E 14 -12.24 -22.07 -39.47
C ALA E 14 -12.75 -21.29 -40.67
N GLU E 15 -12.44 -21.75 -41.89
CA GLU E 15 -12.89 -21.06 -43.09
C GLU E 15 -14.42 -20.91 -43.13
N ALA E 16 -15.14 -21.86 -42.55
CA ALA E 16 -16.59 -21.74 -42.49
C ALA E 16 -17.04 -20.50 -41.73
N TYR E 17 -16.25 -20.03 -40.77
CA TYR E 17 -16.66 -18.86 -40.01
C TYR E 17 -16.10 -17.57 -40.59
N TYR E 18 -15.16 -17.67 -41.52
CA TYR E 18 -14.40 -16.54 -42.04
C TYR E 18 -14.41 -16.59 -43.56
N PRO E 19 -15.57 -16.41 -44.20
CA PRO E 19 -15.58 -16.30 -45.66
C PRO E 19 -14.92 -15.00 -46.10
N PRO E 20 -14.29 -14.98 -47.28
CA PRO E 20 -13.62 -13.75 -47.72
C PRO E 20 -14.58 -12.59 -47.77
N SER E 21 -14.12 -11.43 -47.31
CA SER E 21 -15.04 -10.34 -47.06
C SER E 21 -14.26 -9.14 -46.52
N VAL E 22 -14.86 -7.97 -46.67
CA VAL E 22 -14.42 -6.74 -46.00
C VAL E 22 -15.55 -6.34 -45.06
N ILE E 23 -15.28 -6.38 -43.76
CA ILE E 23 -16.28 -6.02 -42.76
C ILE E 23 -16.00 -4.59 -42.32
N THR E 24 -17.01 -3.74 -42.37
CA THR E 24 -16.82 -2.39 -41.85
C THR E 24 -17.22 -2.37 -40.38
N ASN E 25 -16.90 -1.28 -39.71
CA ASN E 25 -17.12 -1.16 -38.28
C ASN E 25 -17.98 0.08 -38.05
N LYS E 26 -19.24 -0.03 -38.50
CA LYS E 26 -20.22 1.05 -38.44
C LYS E 26 -20.34 1.62 -37.03
N ARG E 27 -20.65 0.74 -36.10
CA ARG E 27 -20.86 1.01 -34.66
C ARG E 27 -19.62 1.61 -33.99
N LYS E 28 -18.46 1.48 -34.63
CA LYS E 28 -17.17 1.97 -34.10
C LYS E 28 -16.77 1.26 -32.79
N ASP E 29 -17.00 -0.04 -32.76
CA ASP E 29 -16.55 -0.81 -31.59
C ASP E 29 -15.02 -0.90 -31.59
N LEU E 30 -14.43 -0.81 -30.41
CA LEU E 30 -13.02 -1.12 -30.24
C LEU E 30 -12.48 -2.52 -30.54
N GLY E 31 -13.24 -3.56 -30.21
CA GLY E 31 -12.76 -4.93 -30.34
C GLY E 31 -13.34 -5.69 -31.52
N VAL E 32 -12.53 -6.58 -32.07
CA VAL E 32 -12.89 -7.45 -33.20
C VAL E 32 -13.15 -8.84 -32.66
N ASP E 33 -14.40 -9.29 -32.73
CA ASP E 33 -14.75 -10.61 -32.21
C ASP E 33 -14.14 -11.70 -33.08
N VAL E 34 -13.62 -12.76 -32.44
CA VAL E 34 -13.08 -13.90 -33.17
C VAL E 34 -13.71 -15.17 -32.61
N TYR E 35 -14.02 -16.11 -33.49
CA TYR E 35 -14.76 -17.32 -33.17
C TYR E 35 -13.86 -18.43 -32.65
N CYS E 36 -14.45 -19.32 -31.84
CA CYS E 36 -13.75 -20.54 -31.44
C CYS E 36 -13.51 -21.49 -32.61
N CYS E 37 -14.48 -21.59 -33.53
CA CYS E 37 -14.41 -22.38 -34.77
C CYS E 37 -14.53 -23.88 -34.55
N SER E 38 -14.61 -24.31 -33.29
CA SER E 38 -14.81 -25.72 -33.00
C SER E 38 -15.29 -25.80 -31.55
N ASP E 39 -16.29 -26.65 -31.30
CA ASP E 39 -16.64 -27.02 -29.93
C ASP E 39 -15.40 -27.51 -29.20
N LEU E 40 -15.29 -27.16 -27.92
CA LEU E 40 -14.19 -27.71 -27.14
C LEU E 40 -14.66 -27.90 -25.70
N VAL E 41 -14.01 -28.83 -25.01
CA VAL E 41 -14.22 -29.07 -23.60
C VAL E 41 -13.02 -28.51 -22.86
N LEU E 42 -13.27 -27.65 -21.87
CA LEU E 42 -12.21 -27.01 -21.10
C LEU E 42 -12.13 -27.67 -19.73
N GLN E 43 -10.99 -28.29 -19.43
CA GLN E 43 -10.80 -28.95 -18.15
C GLN E 43 -10.51 -27.90 -17.09
N PRO E 44 -10.75 -28.23 -15.81
CA PRO E 44 -10.27 -27.35 -14.73
C PRO E 44 -8.80 -27.05 -14.89
N GLY E 45 -8.43 -25.81 -14.59
CA GLY E 45 -7.06 -25.38 -14.78
C GLY E 45 -6.74 -24.90 -16.18
N LEU E 46 -5.48 -25.03 -16.59
CA LEU E 46 -5.03 -24.45 -17.85
C LEU E 46 -5.59 -25.18 -19.06
N ASN E 47 -6.00 -24.42 -20.08
CA ASN E 47 -6.38 -24.95 -21.39
C ASN E 47 -5.75 -24.09 -22.48
N ILE E 48 -5.32 -24.73 -23.57
CA ILE E 48 -4.83 -24.04 -24.76
C ILE E 48 -5.92 -24.15 -25.81
N VAL E 49 -6.46 -23.02 -26.23
CA VAL E 49 -7.52 -22.98 -27.23
C VAL E 49 -6.93 -22.35 -28.49
N ARG E 50 -6.91 -23.14 -29.57
CA ARG E 50 -6.44 -22.64 -30.86
C ARG E 50 -7.56 -21.88 -31.54
N LEU E 51 -7.25 -20.70 -32.06
CA LEU E 51 -8.26 -19.95 -32.80
C LEU E 51 -8.19 -20.20 -34.31
N HIS E 52 -7.17 -20.91 -34.79
CA HIS E 52 -7.12 -21.38 -36.18
C HIS E 52 -7.14 -20.22 -37.16
N ILE E 53 -6.60 -19.08 -36.75
CA ILE E 53 -6.52 -17.91 -37.61
C ILE E 53 -5.13 -17.34 -37.49
N LYS E 54 -4.68 -16.74 -38.58
CA LYS E 54 -3.52 -15.86 -38.58
C LYS E 54 -4.04 -14.44 -38.70
N VAL E 55 -3.47 -13.52 -37.90
CA VAL E 55 -3.99 -12.16 -37.80
C VAL E 55 -2.86 -11.17 -37.95
N ALA E 56 -3.14 -10.07 -38.64
CA ALA E 56 -2.27 -8.91 -38.65
C ALA E 56 -3.11 -7.66 -38.44
N CYS E 57 -2.47 -6.66 -37.85
CA CYS E 57 -3.06 -5.35 -37.60
C CYS E 57 -2.22 -4.29 -38.30
N GLU E 58 -2.87 -3.27 -38.85
CA GLU E 58 -2.17 -2.21 -39.54
C GLU E 58 -2.68 -0.85 -39.05
N HIS E 59 -1.75 0.07 -38.81
CA HIS E 59 -2.12 1.44 -38.40
C HIS E 59 -1.31 2.44 -39.21
N MET E 60 -2.02 3.35 -39.88
CA MET E 60 -1.40 4.34 -40.77
C MET E 60 -0.43 3.67 -41.73
N GLY E 61 -0.90 2.60 -42.38
CA GLY E 61 -0.13 1.87 -43.36
C GLY E 61 1.05 1.07 -42.85
N LYS E 62 1.21 0.93 -41.54
CA LYS E 62 2.31 0.16 -40.97
C LYS E 62 1.78 -0.96 -40.08
N LYS E 63 2.42 -2.12 -40.12
CA LYS E 63 2.02 -3.25 -39.30
C LYS E 63 2.23 -2.92 -37.83
N CYS E 64 1.21 -3.14 -36.99
CA CYS E 64 1.41 -2.87 -35.57
C CYS E 64 0.96 -4.07 -34.73
N GLY E 65 1.13 -3.93 -33.42
CA GLY E 65 0.71 -4.96 -32.51
C GLY E 65 -0.77 -4.90 -32.24
N PHE E 66 -1.26 -5.85 -31.45
CA PHE E 66 -2.63 -5.78 -30.98
C PHE E 66 -2.75 -6.60 -29.71
N LYS E 67 -3.95 -6.57 -29.14
CA LYS E 67 -4.18 -7.10 -27.80
C LYS E 67 -5.43 -7.98 -27.82
N ILE E 68 -5.37 -9.08 -27.08
CA ILE E 68 -6.50 -9.99 -26.97
C ILE E 68 -7.15 -9.79 -25.60
N MET E 69 -8.45 -9.51 -25.59
CA MET E 69 -9.18 -9.32 -24.35
C MET E 69 -10.42 -10.19 -24.34
N ALA E 70 -10.77 -10.67 -23.15
CA ALA E 70 -12.02 -11.42 -22.99
C ALA E 70 -13.22 -10.54 -23.30
N ARG E 71 -14.25 -11.13 -23.90
CA ARG E 71 -15.57 -10.52 -23.93
C ARG E 71 -16.29 -10.84 -22.63
N SER E 72 -17.22 -9.97 -22.25
CA SER E 72 -17.89 -10.23 -20.98
C SER E 72 -18.74 -11.51 -21.01
N SER E 73 -18.98 -12.07 -22.21
CA SER E 73 -19.69 -13.34 -22.37
C SER E 73 -18.84 -14.55 -21.98
N MET E 74 -17.53 -14.38 -21.84
CA MET E 74 -16.68 -15.54 -21.64
C MET E 74 -16.95 -16.19 -20.28
N CYS E 75 -17.18 -15.36 -19.26
CA CYS E 75 -17.28 -15.80 -17.88
C CYS E 75 -18.72 -15.65 -17.45
N THR E 76 -19.36 -16.77 -17.06
CA THR E 76 -20.75 -16.76 -16.62
C THR E 76 -20.88 -17.60 -15.38
N HIS E 77 -22.09 -17.62 -14.81
CA HIS E 77 -22.30 -18.49 -13.65
C HIS E 77 -22.19 -19.97 -14.02
N GLU E 78 -22.30 -20.31 -15.30
CA GLU E 78 -22.12 -21.69 -15.74
C GLU E 78 -20.66 -22.05 -16.02
N ARG E 79 -19.80 -21.08 -16.30
CA ARG E 79 -18.40 -21.39 -16.57
C ARG E 79 -17.53 -20.23 -16.11
N LEU E 80 -16.70 -20.50 -15.10
CA LEU E 80 -15.78 -19.53 -14.52
C LEU E 80 -14.49 -19.52 -15.31
N LEU E 81 -14.49 -18.78 -16.42
CA LEU E 81 -13.38 -18.80 -17.37
C LEU E 81 -12.68 -17.46 -17.39
N ILE E 82 -11.34 -17.46 -17.32
CA ILE E 82 -10.57 -16.24 -17.49
C ILE E 82 -9.44 -16.48 -18.49
N LEU E 83 -9.00 -15.38 -19.10
CA LEU E 83 -7.79 -15.39 -19.91
C LEU E 83 -6.59 -15.43 -18.97
N ALA E 84 -5.73 -16.45 -19.14
CA ALA E 84 -4.62 -16.64 -18.20
C ALA E 84 -3.77 -15.38 -18.08
N ASN E 85 -3.48 -14.72 -19.19
CA ASN E 85 -2.55 -13.60 -19.16
C ASN E 85 -3.23 -12.26 -18.94
N GLY E 86 -4.51 -12.25 -18.57
CA GLY E 86 -5.20 -10.99 -18.35
C GLY E 86 -5.59 -10.36 -19.67
N ILE E 87 -4.61 -9.87 -20.42
CA ILE E 87 -4.82 -9.63 -21.83
C ILE E 87 -3.62 -10.18 -22.59
N GLY E 88 -3.86 -10.64 -23.83
CA GLY E 88 -2.80 -11.15 -24.66
C GLY E 88 -2.19 -10.02 -25.46
N LEU E 89 -0.88 -9.87 -25.36
CA LEU E 89 -0.15 -8.86 -26.10
C LEU E 89 0.51 -9.53 -27.30
N ILE E 90 0.14 -9.09 -28.49
CA ILE E 90 0.63 -9.69 -29.74
C ILE E 90 1.54 -8.67 -30.41
N ASP E 91 2.82 -9.01 -30.55
CA ASP E 91 3.77 -8.13 -31.21
C ASP E 91 3.57 -8.14 -32.72
N PRO E 92 3.91 -7.04 -33.40
CA PRO E 92 3.79 -7.04 -34.87
C PRO E 92 4.66 -8.11 -35.53
N GLY E 93 5.77 -8.51 -34.89
CA GLY E 93 6.59 -9.57 -35.45
C GLY E 93 5.92 -10.92 -35.52
N TYR E 94 4.87 -11.14 -34.72
CA TYR E 94 4.26 -12.46 -34.64
C TYR E 94 3.50 -12.78 -35.91
N VAL E 95 3.74 -13.97 -36.45
CA VAL E 95 3.07 -14.38 -37.69
C VAL E 95 2.46 -15.78 -37.54
N GLY E 96 2.35 -16.26 -36.31
CA GLY E 96 1.81 -17.58 -36.04
C GLY E 96 0.30 -17.58 -35.89
N GLU E 97 -0.22 -18.77 -35.55
CA GLU E 97 -1.63 -18.93 -35.24
C GLU E 97 -1.93 -18.33 -33.87
N LEU E 98 -3.08 -17.68 -33.75
CA LEU E 98 -3.48 -17.12 -32.45
C LEU E 98 -3.97 -18.25 -31.56
N MET E 99 -3.41 -18.32 -30.35
CA MET E 99 -3.85 -19.30 -29.35
C MET E 99 -4.17 -18.58 -28.05
N LEU E 100 -5.16 -19.11 -27.32
CA LEU E 100 -5.52 -18.58 -26.02
C LEU E 100 -5.13 -19.56 -24.92
N LYS E 101 -4.56 -19.02 -23.85
CA LYS E 101 -4.44 -19.74 -22.58
C LYS E 101 -5.63 -19.33 -21.70
N ILE E 102 -6.54 -20.26 -21.49
CA ILE E 102 -7.79 -20.02 -20.77
C ILE E 102 -7.79 -20.88 -19.51
N ILE E 103 -8.01 -20.26 -18.37
CA ILE E 103 -8.10 -20.97 -17.10
C ILE E 103 -9.57 -21.23 -16.79
N ASN E 104 -9.91 -22.51 -16.57
CA ASN E 104 -11.21 -22.90 -16.04
C ASN E 104 -11.05 -22.93 -14.53
N LEU E 105 -11.63 -21.94 -13.85
CA LEU E 105 -11.43 -21.80 -12.42
C LEU E 105 -12.35 -22.73 -11.62
N GLY E 106 -13.31 -23.40 -12.26
CA GLY E 106 -14.24 -24.28 -11.57
C GLY E 106 -13.69 -25.68 -11.39
N ASP E 107 -14.56 -26.56 -10.88
CA ASP E 107 -14.19 -27.93 -10.52
C ASP E 107 -14.49 -28.95 -11.60
N THR E 108 -15.37 -28.64 -12.54
CA THR E 108 -15.82 -29.58 -13.54
C THR E 108 -15.51 -29.03 -14.94
N PRO E 109 -15.39 -29.90 -15.94
CA PRO E 109 -15.18 -29.41 -17.31
C PRO E 109 -16.39 -28.60 -17.78
N VAL E 110 -16.15 -27.68 -18.72
CA VAL E 110 -17.22 -26.83 -19.24
C VAL E 110 -17.13 -26.83 -20.76
N GLN E 111 -18.27 -26.59 -21.40
CA GLN E 111 -18.34 -26.61 -22.85
C GLN E 111 -18.16 -25.22 -23.43
N ILE E 112 -17.38 -25.12 -24.51
CA ILE E 112 -17.43 -23.98 -25.43
C ILE E 112 -17.91 -24.49 -26.78
N TRP E 113 -18.67 -23.66 -27.48
CA TRP E 113 -19.22 -24.00 -28.79
C TRP E 113 -18.55 -23.21 -29.91
N ALA E 114 -18.53 -23.83 -31.10
CA ALA E 114 -17.78 -23.31 -32.24
C ALA E 114 -18.14 -21.87 -32.59
N LYS E 115 -19.42 -21.52 -32.53
CA LYS E 115 -19.83 -20.20 -32.99
C LYS E 115 -19.61 -19.12 -31.92
N GLU E 116 -19.21 -19.49 -30.72
CA GLU E 116 -19.02 -18.49 -29.67
C GLU E 116 -17.80 -17.63 -29.95
N CYS E 117 -17.91 -16.37 -29.57
CA CYS E 117 -16.78 -15.46 -29.58
C CYS E 117 -16.44 -15.15 -28.11
N LEU E 118 -15.37 -15.76 -27.62
CA LEU E 118 -14.94 -15.58 -26.23
C LEU E 118 -14.05 -14.37 -26.03
N VAL E 119 -13.32 -13.94 -27.06
CA VAL E 119 -12.35 -12.86 -26.92
C VAL E 119 -12.51 -11.93 -28.11
N GLN E 120 -11.83 -10.79 -28.02
CA GLN E 120 -11.90 -9.77 -29.05
C GLN E 120 -10.51 -9.16 -29.19
N LEU E 121 -10.20 -8.72 -30.41
CA LEU E 121 -8.90 -8.14 -30.72
C LEU E 121 -8.98 -6.61 -30.72
N VAL E 122 -7.97 -5.99 -30.11
CA VAL E 122 -7.93 -4.53 -29.97
C VAL E 122 -6.57 -4.05 -30.47
N ALA E 123 -6.57 -3.12 -31.40
CA ALA E 123 -5.32 -2.61 -31.95
C ALA E 123 -4.46 -1.97 -30.87
N GLN E 124 -3.14 -2.09 -31.04
CA GLN E 124 -2.19 -1.27 -30.29
C GLN E 124 -2.66 0.18 -30.26
N GLY E 125 -2.67 0.76 -29.06
CA GLY E 125 -3.15 2.13 -28.89
C GLY E 125 -4.65 2.27 -28.79
N ASP E 126 -5.40 1.15 -28.87
CA ASP E 126 -6.86 1.11 -28.80
C ASP E 126 -7.54 1.79 -29.98
N HIS E 127 -6.85 1.97 -31.11
CA HIS E 127 -7.48 2.63 -32.25
C HIS E 127 -8.66 1.81 -32.76
N VAL E 128 -9.73 2.52 -33.13
CA VAL E 128 -10.96 1.88 -33.62
C VAL E 128 -10.70 1.35 -35.03
N PRO E 129 -11.00 0.08 -35.31
CA PRO E 129 -10.74 -0.45 -36.66
C PRO E 129 -11.70 0.15 -37.67
N ASP E 130 -11.16 0.54 -38.82
CA ASP E 130 -12.02 0.98 -39.91
C ASP E 130 -12.53 -0.22 -40.69
N HIS E 131 -11.64 -1.14 -41.04
CA HIS E 131 -11.95 -2.33 -41.82
C HIS E 131 -11.42 -3.57 -41.12
N ILE E 132 -12.20 -4.64 -41.16
CA ILE E 132 -11.73 -5.97 -40.78
C ILE E 132 -11.74 -6.80 -42.06
N ASN E 133 -10.55 -7.15 -42.53
CA ASN E 133 -10.36 -7.82 -43.81
C ASN E 133 -10.22 -9.32 -43.59
N ILE E 134 -11.16 -10.11 -44.12
CA ILE E 134 -11.14 -11.56 -44.00
C ILE E 134 -10.52 -12.14 -45.27
N LEU E 135 -9.33 -12.72 -45.15
CA LEU E 135 -8.57 -13.16 -46.32
C LEU E 135 -8.93 -14.59 -46.72
N LYS E 136 -8.58 -14.92 -47.96
CA LYS E 136 -8.82 -16.26 -48.47
C LYS E 136 -7.85 -17.24 -47.81
N ARG E 137 -8.34 -18.45 -47.53
CA ARG E 137 -7.45 -19.47 -46.99
C ARG E 137 -6.37 -19.80 -48.01
N ASN E 138 -5.13 -19.91 -47.54
CA ASN E 138 -3.99 -20.35 -48.35
C ASN E 138 -3.70 -19.39 -49.50
N GLN E 139 -4.08 -18.12 -49.36
CA GLN E 139 -3.51 -17.06 -50.18
C GLN E 139 -2.22 -16.58 -49.52
N ILE E 140 -1.40 -15.88 -50.30
CA ILE E 140 -0.18 -15.32 -49.75
C ILE E 140 -0.54 -14.18 -48.80
N PHE E 141 0.17 -14.10 -47.66
CA PHE E 141 -0.04 -13.15 -46.58
C PHE E 141 0.89 -11.95 -46.78
N PRO E 142 0.53 -10.96 -47.60
CA PRO E 142 1.51 -9.89 -47.90
C PRO E 142 1.87 -9.03 -46.68
N LEU E 143 1.25 -9.29 -45.53
CA LEU E 143 1.52 -8.48 -44.35
C LEU E 143 1.78 -9.35 -43.11
N ALA F 2 -7.01 17.18 -25.91
CA ALA F 2 -8.21 17.26 -25.08
C ALA F 2 -8.85 15.89 -24.83
N THR F 3 -9.03 15.52 -23.57
CA THR F 3 -9.68 14.28 -23.17
C THR F 3 -10.52 14.55 -21.92
N ASN F 4 -11.81 14.20 -21.96
CA ASN F 4 -12.72 14.48 -20.87
C ASN F 4 -13.66 13.29 -20.61
N PHE F 5 -13.96 13.05 -19.34
CA PHE F 5 -14.96 12.08 -18.91
C PHE F 5 -16.23 12.78 -18.47
N PHE F 6 -17.38 12.17 -18.76
CA PHE F 6 -18.67 12.61 -18.29
C PHE F 6 -19.31 11.46 -17.52
N ILE F 7 -19.66 11.71 -16.26
CA ILE F 7 -20.23 10.70 -15.37
C ILE F 7 -21.58 11.21 -14.88
N GLN F 8 -22.61 10.37 -14.97
CA GLN F 8 -23.94 10.73 -14.50
C GLN F 8 -24.46 9.65 -13.56
N PRO F 9 -24.77 9.99 -12.31
CA PRO F 9 -25.38 9.01 -11.42
C PRO F 9 -26.78 8.71 -11.92
N ILE F 10 -27.20 7.44 -11.81
CA ILE F 10 -28.52 7.07 -12.27
C ILE F 10 -29.36 6.41 -11.17
N THR F 11 -28.89 6.45 -9.92
CA THR F 11 -29.69 6.06 -8.76
C THR F 11 -29.51 7.09 -7.66
N GLU F 12 -30.36 7.00 -6.64
CA GLU F 12 -30.22 7.89 -5.50
C GLU F 12 -28.96 7.57 -4.72
N GLU F 13 -28.65 6.28 -4.54
CA GLU F 13 -27.40 5.91 -3.89
C GLU F 13 -26.22 6.58 -4.57
N ALA F 14 -26.20 6.58 -5.91
CA ALA F 14 -25.07 7.17 -6.61
C ALA F 14 -25.02 8.69 -6.45
N GLU F 15 -26.18 9.33 -6.29
CA GLU F 15 -26.18 10.80 -6.17
C GLU F 15 -25.37 11.26 -4.98
N ALA F 16 -25.40 10.50 -3.88
CA ALA F 16 -24.61 10.86 -2.70
C ALA F 16 -23.11 10.88 -2.99
N TYR F 17 -22.64 10.03 -3.90
CA TYR F 17 -21.21 9.97 -4.22
C TYR F 17 -20.82 10.83 -5.40
N TYR F 18 -21.78 11.27 -6.21
CA TYR F 18 -21.49 11.98 -7.45
C TYR F 18 -22.27 13.29 -7.51
N PRO F 19 -21.93 14.26 -6.65
CA PRO F 19 -22.59 15.56 -6.72
C PRO F 19 -22.17 16.30 -7.98
N PRO F 20 -23.04 17.12 -8.55
CA PRO F 20 -22.75 17.74 -9.86
C PRO F 20 -21.59 18.72 -9.76
N SER F 21 -20.67 18.62 -10.70
CA SER F 21 -19.32 19.10 -10.42
C SER F 21 -18.50 19.02 -11.70
N VAL F 22 -17.45 19.85 -11.75
CA VAL F 22 -16.43 19.75 -12.78
C VAL F 22 -15.11 19.61 -12.06
N ILE F 23 -14.53 18.44 -12.13
CA ILE F 23 -13.23 18.16 -11.53
C ILE F 23 -12.17 18.41 -12.59
N THR F 24 -10.97 18.81 -12.14
CA THR F 24 -9.80 18.85 -13.00
C THR F 24 -8.76 17.89 -12.45
N ASN F 25 -7.93 17.36 -13.35
CA ASN F 25 -7.02 16.28 -13.00
C ASN F 25 -5.61 16.81 -12.77
N LYS F 26 -5.51 17.72 -11.79
CA LYS F 26 -4.25 18.39 -11.51
C LYS F 26 -3.10 17.42 -11.27
N ARG F 27 -3.38 16.28 -10.65
CA ARG F 27 -2.31 15.31 -10.44
C ARG F 27 -1.97 14.52 -11.69
N LYS F 28 -2.67 14.76 -12.80
CA LYS F 28 -2.44 14.04 -14.06
C LYS F 28 -2.62 12.54 -13.86
N ASP F 29 -3.62 12.17 -13.04
CA ASP F 29 -3.97 10.78 -12.87
C ASP F 29 -4.53 10.22 -14.16
N LEU F 30 -4.06 9.03 -14.54
CA LEU F 30 -4.60 8.33 -15.70
C LEU F 30 -6.03 7.84 -15.45
N GLY F 31 -6.21 7.06 -14.39
CA GLY F 31 -7.50 6.45 -14.13
C GLY F 31 -8.45 7.35 -13.36
N VAL F 32 -9.74 7.17 -13.61
CA VAL F 32 -10.80 7.83 -12.86
C VAL F 32 -11.43 6.79 -11.94
N ASP F 33 -11.31 6.98 -10.63
CA ASP F 33 -11.85 6.01 -9.69
C ASP F 33 -13.36 6.16 -9.59
N VAL F 34 -14.08 5.05 -9.47
CA VAL F 34 -15.53 5.10 -9.38
C VAL F 34 -15.98 4.26 -8.20
N TYR F 35 -17.02 4.72 -7.53
CA TYR F 35 -17.45 4.15 -6.25
C TYR F 35 -18.37 2.96 -6.47
N CYS F 36 -18.45 2.09 -5.45
CA CYS F 36 -19.42 1.00 -5.47
C CYS F 36 -20.84 1.51 -5.19
N CYS F 37 -20.97 2.54 -4.37
CA CYS F 37 -22.22 3.28 -4.13
C CYS F 37 -23.26 2.52 -3.33
N SER F 38 -22.99 1.25 -3.02
CA SER F 38 -23.89 0.41 -2.23
C SER F 38 -23.02 -0.57 -1.49
N ASP F 39 -23.40 -0.92 -0.26
CA ASP F 39 -22.71 -1.97 0.47
C ASP F 39 -23.05 -3.34 -0.11
N LEU F 40 -22.02 -4.12 -0.46
CA LEU F 40 -22.19 -5.39 -1.15
C LEU F 40 -21.58 -6.52 -0.36
N VAL F 41 -22.12 -7.72 -0.55
CA VAL F 41 -21.46 -8.95 -0.13
C VAL F 41 -21.24 -9.78 -1.38
N LEU F 42 -19.97 -10.03 -1.71
CA LEU F 42 -19.61 -10.82 -2.88
C LEU F 42 -19.46 -12.27 -2.47
N GLN F 43 -20.22 -13.15 -3.11
CA GLN F 43 -20.14 -14.59 -2.89
C GLN F 43 -18.88 -15.15 -3.55
N PRO F 44 -18.37 -16.28 -3.06
CA PRO F 44 -17.31 -16.98 -3.81
C PRO F 44 -17.77 -17.20 -5.24
N GLY F 45 -16.84 -17.02 -6.19
CA GLY F 45 -17.16 -17.19 -7.59
C GLY F 45 -17.61 -15.90 -8.24
N LEU F 46 -18.46 -16.00 -9.26
CA LEU F 46 -18.82 -14.82 -10.04
C LEU F 46 -19.85 -13.97 -9.32
N ASN F 47 -19.68 -12.64 -9.40
CA ASN F 47 -20.69 -11.68 -8.94
C ASN F 47 -20.92 -10.61 -10.01
N ILE F 48 -22.18 -10.23 -10.20
CA ILE F 48 -22.54 -9.08 -11.04
C ILE F 48 -22.68 -7.86 -10.14
N VAL F 49 -21.91 -6.81 -10.43
CA VAL F 49 -21.88 -5.60 -9.60
C VAL F 49 -22.21 -4.41 -10.50
N ARG F 50 -23.20 -3.63 -10.10
CA ARG F 50 -23.56 -2.44 -10.88
C ARG F 50 -22.77 -1.25 -10.37
N LEU F 51 -22.48 -0.32 -11.27
CA LEU F 51 -21.75 0.87 -10.85
C LEU F 51 -22.65 2.09 -10.67
N HIS F 52 -23.94 1.99 -10.98
CA HIS F 52 -24.91 3.06 -10.71
C HIS F 52 -24.67 4.32 -11.54
N ILE F 53 -23.87 4.26 -12.60
CA ILE F 53 -23.51 5.43 -13.39
C ILE F 53 -23.61 5.12 -14.87
N LYS F 54 -23.92 6.16 -15.65
CA LYS F 54 -23.64 6.19 -17.08
C LYS F 54 -22.40 7.03 -17.31
N VAL F 55 -21.56 6.61 -18.24
CA VAL F 55 -20.28 7.29 -18.46
C VAL F 55 -20.09 7.49 -19.97
N ALA F 56 -19.59 8.66 -20.34
CA ALA F 56 -19.11 8.92 -21.69
C ALA F 56 -17.71 9.49 -21.60
N CYS F 57 -16.95 9.28 -22.65
CA CYS F 57 -15.57 9.76 -22.78
C CYS F 57 -15.40 10.38 -24.15
N GLU F 58 -14.65 11.49 -24.25
CA GLU F 58 -14.36 12.08 -25.54
C GLU F 58 -12.88 12.42 -25.60
N HIS F 59 -12.34 12.40 -26.82
CA HIS F 59 -10.96 12.75 -27.05
C HIS F 59 -10.91 13.51 -28.36
N MET F 60 -10.32 14.70 -28.34
CA MET F 60 -10.31 15.60 -29.50
C MET F 60 -11.73 15.91 -29.97
N GLY F 61 -12.63 16.10 -29.00
CA GLY F 61 -14.01 16.40 -29.34
C GLY F 61 -14.76 15.32 -30.09
N LYS F 62 -14.33 14.06 -30.02
CA LYS F 62 -15.10 12.94 -30.57
C LYS F 62 -15.30 11.90 -29.48
N LYS F 63 -16.52 11.36 -29.38
CA LYS F 63 -16.80 10.36 -28.36
C LYS F 63 -15.90 9.15 -28.58
N CYS F 64 -15.31 8.64 -27.50
CA CYS F 64 -14.39 7.52 -27.65
C CYS F 64 -14.70 6.45 -26.58
N GLY F 65 -14.04 5.31 -26.74
CA GLY F 65 -14.17 4.22 -25.79
C GLY F 65 -13.35 4.46 -24.55
N PHE F 66 -13.46 3.53 -23.60
CA PHE F 66 -12.59 3.54 -22.44
C PHE F 66 -12.52 2.14 -21.86
N LYS F 67 -11.71 1.99 -20.82
CA LYS F 67 -11.39 0.69 -20.25
C LYS F 67 -11.61 0.73 -18.75
N ILE F 68 -12.17 -0.35 -18.20
CA ILE F 68 -12.33 -0.50 -16.76
C ILE F 68 -11.19 -1.36 -16.25
N MET F 69 -10.38 -0.83 -15.34
CA MET F 69 -9.25 -1.57 -14.79
C MET F 69 -9.36 -1.67 -13.28
N ALA F 70 -8.94 -2.81 -12.75
CA ALA F 70 -8.84 -2.94 -11.31
C ALA F 70 -7.90 -1.87 -10.74
N ARG F 71 -8.22 -1.40 -9.55
CA ARG F 71 -7.24 -0.66 -8.76
C ARG F 71 -6.40 -1.67 -8.00
N SER F 72 -5.16 -1.28 -7.67
CA SER F 72 -4.28 -2.23 -7.02
C SER F 72 -4.84 -2.67 -5.66
N SER F 73 -5.67 -1.83 -5.05
CA SER F 73 -6.29 -2.14 -3.77
C SER F 73 -7.47 -3.10 -3.89
N MET F 74 -7.89 -3.50 -5.10
CA MET F 74 -9.07 -4.35 -5.20
C MET F 74 -8.82 -5.73 -4.63
N CYS F 75 -7.60 -6.24 -4.80
CA CYS F 75 -7.21 -7.59 -4.40
C CYS F 75 -6.35 -7.52 -3.15
N THR F 76 -6.77 -8.18 -2.08
CA THR F 76 -5.97 -8.30 -0.86
C THR F 76 -5.98 -9.76 -0.46
N HIS F 77 -5.18 -10.11 0.55
CA HIS F 77 -5.26 -11.45 1.10
C HIS F 77 -6.65 -11.76 1.60
N GLU F 78 -7.30 -10.80 2.25
CA GLU F 78 -8.64 -11.04 2.78
C GLU F 78 -9.67 -11.18 1.67
N ARG F 79 -9.64 -10.31 0.66
CA ARG F 79 -10.58 -10.40 -0.46
C ARG F 79 -9.80 -10.62 -1.74
N LEU F 80 -9.73 -11.88 -2.16
CA LEU F 80 -9.04 -12.26 -3.39
C LEU F 80 -9.97 -12.00 -4.57
N LEU F 81 -10.04 -10.73 -5.00
CA LEU F 81 -10.97 -10.34 -6.06
C LEU F 81 -10.25 -9.97 -7.35
N ILE F 82 -10.81 -10.40 -8.49
CA ILE F 82 -10.33 -10.02 -9.82
C ILE F 82 -11.53 -9.67 -10.69
N LEU F 83 -11.30 -8.81 -11.68
CA LEU F 83 -12.28 -8.64 -12.74
C LEU F 83 -12.26 -9.86 -13.64
N ALA F 84 -13.43 -10.47 -13.86
CA ALA F 84 -13.51 -11.69 -14.67
C ALA F 84 -12.95 -11.47 -16.06
N ASN F 85 -13.23 -10.33 -16.67
CA ASN F 85 -12.79 -10.07 -18.05
C ASN F 85 -11.39 -9.45 -18.11
N GLY F 86 -10.69 -9.38 -16.99
CA GLY F 86 -9.33 -8.87 -16.94
C GLY F 86 -9.32 -7.36 -16.97
N ILE F 87 -9.80 -6.81 -18.09
CA ILE F 87 -10.09 -5.40 -18.29
C ILE F 87 -11.50 -5.32 -18.87
N GLY F 88 -12.27 -4.32 -18.47
CA GLY F 88 -13.53 -4.11 -19.13
C GLY F 88 -13.40 -3.14 -20.28
N LEU F 89 -13.75 -3.56 -21.49
CA LEU F 89 -13.60 -2.75 -22.70
C LEU F 89 -14.94 -2.10 -23.02
N ILE F 90 -15.01 -0.78 -22.96
CA ILE F 90 -16.27 -0.07 -23.13
C ILE F 90 -16.26 0.62 -24.49
N ASP F 91 -17.14 0.19 -25.38
CA ASP F 91 -17.20 0.80 -26.71
C ASP F 91 -17.83 2.20 -26.63
N PRO F 92 -17.50 3.08 -27.58
CA PRO F 92 -18.16 4.41 -27.63
C PRO F 92 -19.68 4.33 -27.72
N GLY F 93 -20.20 3.34 -28.44
CA GLY F 93 -21.64 3.24 -28.64
C GLY F 93 -22.42 2.86 -27.39
N TYR F 94 -21.75 2.34 -26.36
CA TYR F 94 -22.47 1.89 -25.18
C TYR F 94 -23.04 3.08 -24.41
N VAL F 95 -24.32 3.00 -24.07
CA VAL F 95 -24.96 4.06 -23.30
C VAL F 95 -25.74 3.49 -22.13
N GLY F 96 -25.53 2.22 -21.79
CA GLY F 96 -26.16 1.63 -20.61
C GLY F 96 -25.41 1.96 -19.33
N GLU F 97 -25.86 1.36 -18.23
CA GLU F 97 -25.15 1.48 -16.95
C GLU F 97 -23.86 0.67 -16.98
N LEU F 98 -22.77 1.24 -16.44
CA LEU F 98 -21.53 0.49 -16.33
C LEU F 98 -21.68 -0.64 -15.32
N MET F 99 -21.24 -1.84 -15.69
CA MET F 99 -21.35 -3.04 -14.88
C MET F 99 -19.98 -3.69 -14.70
N LEU F 100 -19.85 -4.47 -13.62
CA LEU F 100 -18.65 -5.26 -13.36
C LEU F 100 -19.01 -6.73 -13.18
N LYS F 101 -18.14 -7.60 -13.67
CA LYS F 101 -18.17 -9.01 -13.31
C LYS F 101 -16.93 -9.25 -12.45
N ILE F 102 -17.16 -9.56 -11.19
CA ILE F 102 -16.08 -9.70 -10.22
C ILE F 102 -16.10 -11.13 -9.72
N ILE F 103 -14.93 -11.78 -9.74
CA ILE F 103 -14.79 -13.12 -9.20
C ILE F 103 -14.18 -13.02 -7.81
N ASN F 104 -14.85 -13.60 -6.82
CA ASN F 104 -14.29 -13.77 -5.48
C ASN F 104 -13.63 -15.14 -5.48
N LEU F 105 -12.29 -15.16 -5.56
CA LEU F 105 -11.55 -16.41 -5.59
C LEU F 105 -11.41 -17.07 -4.22
N GLY F 106 -11.77 -16.38 -3.15
CA GLY F 106 -11.69 -16.96 -1.82
C GLY F 106 -12.81 -17.95 -1.59
N ASP F 107 -12.86 -18.49 -0.38
CA ASP F 107 -13.87 -19.49 -0.05
C ASP F 107 -15.02 -18.93 0.79
N THR F 108 -14.98 -17.65 1.18
CA THR F 108 -16.07 -17.10 1.97
C THR F 108 -16.57 -15.79 1.37
N PRO F 109 -17.82 -15.42 1.63
CA PRO F 109 -18.32 -14.12 1.18
C PRO F 109 -17.53 -12.99 1.82
N VAL F 110 -17.35 -11.88 1.09
CA VAL F 110 -16.63 -10.75 1.64
C VAL F 110 -17.45 -9.48 1.46
N GLN F 111 -17.32 -8.58 2.43
CA GLN F 111 -18.02 -7.31 2.43
C GLN F 111 -17.28 -6.26 1.60
N ILE F 112 -18.04 -5.51 0.81
CA ILE F 112 -17.55 -4.32 0.12
C ILE F 112 -18.36 -3.14 0.66
N TRP F 113 -17.70 -2.03 0.92
CA TRP F 113 -18.40 -0.86 1.41
C TRP F 113 -18.63 0.13 0.27
N ALA F 114 -19.73 0.88 0.40
CA ALA F 114 -20.19 1.75 -0.70
C ALA F 114 -19.13 2.76 -1.11
N LYS F 115 -18.36 3.29 -0.16
CA LYS F 115 -17.40 4.32 -0.55
C LYS F 115 -16.14 3.75 -1.21
N GLU F 116 -15.95 2.44 -1.21
CA GLU F 116 -14.74 1.91 -1.84
C GLU F 116 -14.80 2.05 -3.35
N CYS F 117 -13.63 2.29 -3.95
CA CYS F 117 -13.48 2.32 -5.41
C CYS F 117 -12.68 1.09 -5.80
N LEU F 118 -13.34 0.09 -6.38
CA LEU F 118 -12.62 -1.12 -6.74
C LEU F 118 -11.92 -0.97 -8.08
N VAL F 119 -12.44 -0.12 -8.97
CA VAL F 119 -11.95 -0.05 -10.34
C VAL F 119 -11.72 1.41 -10.71
N GLN F 120 -11.06 1.61 -11.84
CA GLN F 120 -10.84 2.94 -12.39
C GLN F 120 -11.10 2.92 -13.89
N LEU F 121 -11.49 4.08 -14.41
CA LEU F 121 -11.76 4.23 -15.83
C LEU F 121 -10.55 4.85 -16.54
N VAL F 122 -10.18 4.31 -17.70
CA VAL F 122 -8.98 4.73 -18.44
C VAL F 122 -9.39 4.97 -19.88
N ALA F 123 -9.18 6.20 -20.38
CA ALA F 123 -9.63 6.53 -21.73
C ALA F 123 -8.93 5.66 -22.76
N GLN F 124 -9.64 5.40 -23.86
CA GLN F 124 -9.06 4.73 -25.01
C GLN F 124 -7.73 5.38 -25.37
N GLY F 125 -6.70 4.57 -25.57
CA GLY F 125 -5.39 5.10 -25.87
C GLY F 125 -4.63 5.61 -24.67
N ASP F 126 -5.16 5.41 -23.46
CA ASP F 126 -4.49 5.79 -22.21
C ASP F 126 -4.21 7.29 -22.12
N HIS F 127 -5.07 8.13 -22.69
CA HIS F 127 -4.91 9.58 -22.54
C HIS F 127 -5.38 10.05 -21.16
N VAL F 128 -4.57 10.92 -20.54
CA VAL F 128 -4.90 11.48 -19.22
C VAL F 128 -6.06 12.45 -19.37
N PRO F 129 -7.12 12.33 -18.58
CA PRO F 129 -8.26 13.24 -18.73
C PRO F 129 -7.92 14.64 -18.26
N ASP F 130 -8.43 15.63 -18.99
CA ASP F 130 -8.36 17.02 -18.55
C ASP F 130 -9.41 17.32 -17.47
N HIS F 131 -10.68 17.06 -17.78
CA HIS F 131 -11.79 17.26 -16.84
C HIS F 131 -12.58 15.97 -16.66
N ILE F 132 -13.10 15.77 -15.45
CA ILE F 132 -14.12 14.78 -15.16
C ILE F 132 -15.40 15.55 -14.81
N ASN F 133 -16.38 15.52 -15.71
CA ASN F 133 -17.63 16.26 -15.55
C ASN F 133 -18.69 15.37 -14.93
N ILE F 134 -19.04 15.62 -13.68
CA ILE F 134 -20.11 14.89 -13.00
C ILE F 134 -21.42 15.63 -13.29
N LEU F 135 -22.29 15.01 -14.10
CA LEU F 135 -23.53 15.63 -14.47
C LEU F 135 -24.62 15.39 -13.43
N LYS F 136 -25.64 16.25 -13.47
CA LYS F 136 -26.78 16.06 -12.59
C LYS F 136 -27.60 14.85 -13.05
N ARG F 137 -28.19 14.16 -12.07
CA ARG F 137 -28.90 12.91 -12.32
C ARG F 137 -29.77 12.88 -13.57
N ASN F 138 -30.87 13.61 -13.60
CA ASN F 138 -31.78 13.51 -14.74
C ASN F 138 -31.52 14.59 -15.79
N GLN F 139 -30.25 14.93 -16.03
CA GLN F 139 -29.91 16.02 -16.92
C GLN F 139 -29.73 15.53 -18.35
N ILE F 140 -30.22 16.34 -19.30
CA ILE F 140 -30.16 15.97 -20.71
C ILE F 140 -28.73 15.78 -21.14
N PHE F 141 -28.50 14.77 -21.98
CA PHE F 141 -27.15 14.53 -22.47
C PHE F 141 -27.20 13.70 -23.75
N PRO F 142 -27.20 14.34 -24.93
CA PRO F 142 -27.32 13.58 -26.18
C PRO F 142 -26.18 12.59 -26.44
N LEU F 143 -25.06 12.70 -25.73
CA LEU F 143 -24.03 11.67 -25.79
C LEU F 143 -24.51 10.33 -25.24
N PHE F 144 -25.57 10.33 -24.44
CA PHE F 144 -26.14 9.10 -23.88
C PHE F 144 -27.32 8.57 -24.70
N ALA F 145 -27.40 8.91 -25.98
CA ALA F 145 -28.53 8.49 -26.81
C ALA F 145 -28.31 7.12 -27.45
N1 UMP G . 9.08 -3.00 30.78
C2 UMP G . 10.25 -2.29 31.05
N3 UMP G . 10.89 -1.59 30.01
C4 UMP G . 10.35 -1.58 28.75
C5 UMP G . 9.18 -2.29 28.50
C6 UMP G . 8.56 -2.98 29.51
O2 UMP G . 10.77 -2.27 32.16
O4 UMP G . 10.89 -0.96 27.84
C1' UMP G . 8.32 -3.76 31.81
C2' UMP G . 6.95 -3.09 31.98
C3' UMP G . 5.94 -4.10 31.46
C4' UMP G . 6.68 -5.42 31.64
O3' UMP G . 4.69 -4.03 32.12
O4' UMP G . 8.05 -5.10 31.44
C5' UMP G . 6.23 -6.50 30.65
O5' UMP G . 6.49 -6.08 29.34
P UMP G . 6.42 -7.10 28.07
OP1 UMP G . 6.62 -6.24 26.85
OP2 UMP G . 5.08 -7.80 28.00
OP3 UMP G . 7.51 -8.16 28.16
N1 UMP H . -1.48 0.05 9.13
C2 UMP H . -1.23 -1.28 9.46
N3 UMP H . -0.09 -1.60 10.20
C4 UMP H . 0.76 -0.60 10.64
C5 UMP H . 0.50 0.73 10.32
C6 UMP H . -0.63 1.04 9.56
O2 UMP H . -1.99 -2.19 9.06
O4 UMP H . 1.75 -0.88 11.31
C1' UMP H . -2.68 0.44 8.33
C2' UMP H . -3.65 1.23 9.21
C3' UMP H . -3.56 2.66 8.68
C4' UMP H . -3.15 2.44 7.22
O3' UMP H . -4.77 3.39 8.80
O4' UMP H . -2.37 1.26 7.23
C5' UMP H . -2.34 3.61 6.66
O5' UMP H . -1.16 3.81 7.39
P UMP H . -0.19 5.05 7.01
OP1 UMP H . 1.03 5.02 7.93
OP2 UMP H . -0.90 6.36 7.25
OP3 UMP H . 0.18 4.91 5.56
N1 UMP I . 11.87 17.76 18.82
C2 UMP I . 11.79 17.73 17.43
N3 UMP I . 11.74 16.53 16.76
C4 UMP I . 11.74 15.34 17.46
C5 UMP I . 11.79 15.35 18.85
C6 UMP I . 11.86 16.58 19.52
O2 UMP I . 11.79 18.78 16.78
O4 UMP I . 11.68 14.27 16.84
C1' UMP I . 11.93 19.07 19.52
C2' UMP I . 10.64 19.35 20.27
C3' UMP I . 11.03 19.04 21.72
C4' UMP I . 12.50 19.38 21.77
O3' UMP I . 10.24 19.72 22.66
O4' UMP I . 12.99 19.12 20.46
C5' UMP I . 13.22 18.48 22.75
O5' UMP I . 12.88 17.14 22.48
P UMP I . 13.50 15.97 23.41
OP1 UMP I . 13.17 14.62 22.80
OP2 UMP I . 12.88 16.06 24.81
OP3 UMP I . 15.00 16.13 23.48
N1 UMP J . 1.93 -0.53 -8.50
C2 UMP J . 2.92 -1.51 -8.61
N3 UMP J . 2.61 -2.69 -9.28
C4 UMP J . 1.36 -2.89 -9.84
C5 UMP J . 0.39 -1.92 -9.73
C6 UMP J . 0.70 -0.74 -9.07
O2 UMP J . 4.05 -1.37 -8.13
O4 UMP J . 1.08 -3.94 -10.43
C1' UMP J . 2.16 0.79 -7.82
C2' UMP J . 2.37 1.84 -8.93
C3' UMP J . 1.03 2.56 -9.00
C4' UMP J . 0.64 2.53 -7.53
O3' UMP J . 1.11 3.86 -9.57
O4' UMP J . 1.05 1.25 -7.06
C5' UMP J . -0.84 2.81 -7.30
O5' UMP J . -1.66 1.98 -8.10
P UMP J . -3.22 1.85 -7.70
OP1 UMP J . -3.91 0.85 -8.61
OP2 UMP J . -3.88 3.20 -7.87
OP3 UMP J . -3.33 1.42 -6.25
N1 UMP K . 0.67 -14.90 -28.15
C2 UMP K . -0.55 -15.50 -28.45
N3 UMP K . -1.61 -15.38 -27.57
C4 UMP K . -1.47 -14.67 -26.39
C5 UMP K . -0.25 -14.06 -26.09
C6 UMP K . 0.81 -14.19 -26.98
O2 UMP K . -0.70 -16.15 -29.51
O4 UMP K . -2.42 -14.56 -25.61
C1' UMP K . 1.84 -15.00 -29.09
C2' UMP K . 2.06 -13.63 -29.74
C3' UMP K . 3.30 -13.09 -29.04
C4' UMP K . 4.06 -14.36 -28.68
O3' UMP K . 4.03 -12.17 -29.85
O4' UMP K . 3.06 -15.34 -28.46
C5' UMP K . 4.92 -14.21 -27.43
O5' UMP K . 4.13 -14.37 -26.26
P UMP K . 4.87 -14.38 -24.82
OP1 UMP K . 3.91 -13.92 -23.75
OP2 UMP K . 6.05 -13.43 -24.86
OP3 UMP K . 5.37 -15.78 -24.53
N1 UMP L . -19.38 -3.50 -20.35
C2 UMP L . -19.50 -3.19 -19.01
N3 UMP L . -18.54 -3.63 -18.10
C4 UMP L . -17.46 -4.38 -18.54
C5 UMP L . -17.33 -4.70 -19.88
C6 UMP L . -18.30 -4.25 -20.79
O2 UMP L . -20.45 -2.51 -18.64
O4 UMP L . -16.64 -4.78 -17.72
C1' UMP L . -20.39 -3.00 -21.31
C2' UMP L . -19.79 -1.97 -22.27
C3' UMP L . -19.63 -2.76 -23.55
C4' UMP L . -20.76 -3.76 -23.49
O3' UMP L . -19.65 -1.95 -24.72
O4' UMP L . -20.89 -4.04 -22.11
C5' UMP L . -20.47 -5.05 -24.27
O5' UMP L . -19.27 -5.63 -23.81
P UMP L . -18.86 -7.13 -24.30
OP1 UMP L . -17.55 -7.48 -23.65
OP2 UMP L . -18.71 -7.10 -25.81
OP3 UMP L . -19.96 -8.08 -23.93
#